data_1YRZ
#
_entry.id   1YRZ
#
_cell.length_a   54.063
_cell.length_b   125.817
_cell.length_c   97.131
_cell.angle_alpha   90.00
_cell.angle_beta   95.08
_cell.angle_gamma   90.00
#
_symmetry.space_group_name_H-M   'P 1 21 1'
#
loop_
_entity.id
_entity.type
_entity.pdbx_description
1 polymer 'xylan beta-1,4-xylosidase'
2 water water
#
_entity_poly.entity_id   1
_entity_poly.type   'polypeptide(L)'
_entity_poly.pdbx_seq_one_letter_code
;MVNRIQNPILPGFHPDPSIVRVGDDYYIATSTFEWFPGVRIHHSRDLKHWRFVSSPLTRTSQLDMKGNMNSGGIWAPCLS
YHDGTFYLIYTDVKQWHGAFKDAHNYLVTAQNIEGPWSDPIYLNSSGFDPSLFHDDDGRKWLVNMIWDYRKGNHPFAGII
LQEYSEAEQKLVGPVKNIYKGTDIQLTEGPHLYKKDGYYYLLVAEGGTEYEHAATLARSQSIDGPYETDPSYPLVTSTGQ
PELALQKAGHGSLVETQNGEWYLAHLCGRPLKGKYCTLGRETAIQKVNWTEDGWLRIEDGGNHPLREVTAPDLPEHPFEK
EPELDDFDAPQLHHQWNTLRIPADPSWCSLEERPGHLRLRGMESLTSVHSQSLVARRQQSFHCEVETKLEYQPESFQHMA
GLVIYYDTEDHVYLHVTWHEEKGKCLQIIQTKGGNYDELLASPIPLAEEKAVYLKGRIHRETMHLYFKQEGEAEWQPVGP
TIDVTHMSDDSAKQVRFTGTFVGMATQDLSGTKKPADFDYFRYKELDQ
;
_entity_poly.pdbx_strand_id   A,B
#
# COMPACT_ATOMS: atom_id res chain seq x y z
N ARG A 4 -16.66 0.47 15.69
CA ARG A 4 -18.15 0.51 15.76
C ARG A 4 -18.75 0.49 14.36
N ILE A 5 -18.25 1.32 13.45
CA ILE A 5 -18.78 1.33 12.09
C ILE A 5 -18.30 0.06 11.40
N GLN A 6 -19.24 -0.67 10.79
CA GLN A 6 -18.89 -1.90 10.10
C GLN A 6 -18.96 -1.72 8.58
N ASN A 7 -17.84 -1.92 7.91
CA ASN A 7 -17.79 -1.79 6.46
C ASN A 7 -18.08 -3.12 5.78
N PRO A 8 -18.65 -3.09 4.57
CA PRO A 8 -19.01 -1.85 3.87
C PRO A 8 -20.29 -1.24 4.44
N ILE A 9 -20.34 0.09 4.47
CA ILE A 9 -21.50 0.80 4.98
C ILE A 9 -22.66 0.76 3.99
N LEU A 10 -22.34 0.72 2.70
CA LEU A 10 -23.37 0.61 1.66
C LEU A 10 -23.01 -0.63 0.85
N PRO A 11 -23.43 -1.82 1.33
CA PRO A 11 -23.17 -3.10 0.67
C PRO A 11 -23.88 -3.23 -0.67
N GLY A 12 -23.33 -4.03 -1.56
CA GLY A 12 -23.92 -4.17 -2.88
C GLY A 12 -23.46 -3.03 -3.74
N PHE A 13 -23.92 -3.02 -4.99
CA PHE A 13 -23.58 -2.02 -6.00
C PHE A 13 -23.76 -0.55 -5.56
N HIS A 14 -22.67 0.03 -5.04
CA HIS A 14 -22.65 1.43 -4.58
C HIS A 14 -21.23 1.99 -4.75
N PRO A 15 -20.80 2.22 -5.99
CA PRO A 15 -19.47 2.75 -6.30
C PRO A 15 -19.33 4.27 -6.21
N ASP A 16 -18.08 4.73 -6.27
CA ASP A 16 -17.74 6.14 -6.26
C ASP A 16 -18.52 7.01 -5.27
N PRO A 17 -18.39 6.74 -3.97
CA PRO A 17 -19.13 7.54 -3.00
C PRO A 17 -18.72 9.02 -2.95
N SER A 18 -19.72 9.89 -2.98
CA SER A 18 -19.51 11.33 -2.91
C SER A 18 -20.27 11.71 -1.63
N ILE A 19 -19.52 11.97 -0.57
CA ILE A 19 -20.12 12.30 0.72
C ILE A 19 -20.14 13.81 1.01
N VAL A 20 -21.14 14.24 1.75
CA VAL A 20 -21.29 15.65 2.11
C VAL A 20 -22.11 15.80 3.39
N ARG A 21 -21.77 16.80 4.20
CA ARG A 21 -22.51 17.05 5.43
C ARG A 21 -23.25 18.38 5.34
N VAL A 22 -24.54 18.34 5.64
CA VAL A 22 -25.38 19.54 5.65
C VAL A 22 -25.95 19.60 7.06
N GLY A 23 -25.32 20.42 7.91
CA GLY A 23 -25.77 20.51 9.29
C GLY A 23 -25.48 19.21 10.03
N ASP A 24 -26.53 18.55 10.50
CA ASP A 24 -26.38 17.29 11.22
C ASP A 24 -26.68 16.09 10.32
N ASP A 25 -26.93 16.36 9.05
CA ASP A 25 -27.24 15.28 8.11
C ASP A 25 -26.07 15.00 7.18
N TYR A 26 -25.85 13.71 6.92
CA TYR A 26 -24.78 13.26 6.05
C TYR A 26 -25.41 12.55 4.86
N TYR A 27 -24.87 12.77 3.67
CA TYR A 27 -25.39 12.13 2.47
C TYR A 27 -24.25 11.56 1.63
N ILE A 28 -24.52 10.45 0.95
CA ILE A 28 -23.54 9.83 0.07
C ILE A 28 -24.21 9.49 -1.25
N ALA A 29 -23.66 10.01 -2.35
CA ALA A 29 -24.20 9.73 -3.66
C ALA A 29 -23.28 8.70 -4.32
N THR A 30 -23.86 7.72 -5.00
CA THR A 30 -23.08 6.68 -5.67
C THR A 30 -23.47 6.56 -7.14
N SER A 31 -22.58 6.01 -7.96
CA SER A 31 -22.82 5.84 -9.39
C SER A 31 -23.83 4.72 -9.66
N THR A 32 -24.57 4.83 -10.75
CA THR A 32 -25.61 3.86 -11.08
C THR A 32 -25.54 3.27 -12.49
N PHE A 33 -24.67 3.83 -13.32
CA PHE A 33 -24.47 3.35 -14.68
C PHE A 33 -25.75 3.17 -15.49
N GLU A 34 -26.01 1.99 -16.04
CA GLU A 34 -27.22 1.82 -16.85
C GLU A 34 -28.52 1.62 -16.05
N TRP A 35 -28.44 1.53 -14.73
CA TRP A 35 -29.64 1.33 -13.93
C TRP A 35 -30.41 2.62 -13.63
N PHE A 36 -31.71 2.59 -13.87
CA PHE A 36 -32.60 3.73 -13.68
C PHE A 36 -33.48 3.56 -12.44
N PRO A 37 -33.72 4.63 -11.67
CA PRO A 37 -33.27 6.02 -11.81
C PRO A 37 -31.78 6.21 -11.55
N GLY A 38 -31.25 7.35 -12.01
CA GLY A 38 -29.83 7.63 -11.85
C GLY A 38 -29.39 8.32 -10.57
N VAL A 39 -28.20 7.92 -10.10
CA VAL A 39 -27.58 8.42 -8.89
C VAL A 39 -28.38 8.00 -7.67
N ARG A 40 -27.72 7.26 -6.77
CA ARG A 40 -28.37 6.79 -5.56
C ARG A 40 -27.83 7.58 -4.38
N ILE A 41 -28.72 8.10 -3.55
CA ILE A 41 -28.30 8.88 -2.39
C ILE A 41 -28.79 8.25 -1.08
N HIS A 42 -27.85 8.06 -0.16
CA HIS A 42 -28.14 7.49 1.15
C HIS A 42 -27.89 8.55 2.22
N HIS A 43 -28.57 8.40 3.36
CA HIS A 43 -28.48 9.36 4.45
C HIS A 43 -28.13 8.75 5.79
N SER A 44 -27.40 9.52 6.59
CA SER A 44 -27.01 9.07 7.93
C SER A 44 -26.87 10.26 8.87
N ARG A 45 -26.98 10.00 10.16
CA ARG A 45 -26.84 11.04 11.16
C ARG A 45 -25.69 10.70 12.13
N ASP A 46 -25.20 9.47 12.04
CA ASP A 46 -24.10 9.02 12.91
C ASP A 46 -22.96 8.34 12.15
N LEU A 47 -23.12 8.22 10.83
CA LEU A 47 -22.12 7.57 9.96
C LEU A 47 -22.06 6.06 10.15
N LYS A 48 -22.85 5.54 11.08
CA LYS A 48 -22.87 4.11 11.33
C LYS A 48 -24.09 3.48 10.67
N HIS A 49 -25.24 4.15 10.77
CA HIS A 49 -26.46 3.64 10.20
C HIS A 49 -26.83 4.48 8.98
N TRP A 50 -27.22 3.79 7.90
CA TRP A 50 -27.56 4.46 6.66
C TRP A 50 -28.90 4.01 6.09
N ARG A 51 -29.54 4.91 5.36
CA ARG A 51 -30.81 4.60 4.72
C ARG A 51 -30.84 5.28 3.36
N PHE A 52 -31.64 4.74 2.45
CA PHE A 52 -31.80 5.31 1.13
C PHE A 52 -32.68 6.55 1.31
N VAL A 53 -32.37 7.64 0.62
CA VAL A 53 -33.21 8.82 0.73
C VAL A 53 -33.75 9.27 -0.61
N SER A 54 -32.99 9.06 -1.69
CA SER A 54 -33.47 9.48 -3.00
C SER A 54 -32.57 9.14 -4.18
N SER A 55 -33.15 9.28 -5.36
CA SER A 55 -32.45 9.07 -6.62
C SER A 55 -32.93 10.26 -7.47
N PRO A 56 -32.09 11.28 -7.62
CA PRO A 56 -32.35 12.52 -8.36
C PRO A 56 -32.81 12.46 -9.81
N LEU A 57 -32.18 11.60 -10.61
CA LEU A 57 -32.49 11.51 -12.03
C LEU A 57 -33.61 10.52 -12.34
N THR A 58 -34.84 11.05 -12.40
CA THR A 58 -36.01 10.25 -12.64
C THR A 58 -36.73 10.53 -13.95
N ARG A 59 -36.30 11.55 -14.68
CA ARG A 59 -36.93 11.90 -15.95
C ARG A 59 -35.97 11.75 -17.11
N THR A 60 -36.49 11.38 -18.27
CA THR A 60 -35.65 11.23 -19.46
C THR A 60 -35.08 12.57 -19.86
N SER A 61 -35.72 13.66 -19.42
CA SER A 61 -35.23 15.00 -19.73
C SER A 61 -33.92 15.21 -18.96
N GLN A 62 -33.74 14.46 -17.89
CA GLN A 62 -32.54 14.56 -17.08
C GLN A 62 -31.54 13.48 -17.52
N LEU A 63 -32.06 12.28 -17.78
CA LEU A 63 -31.23 11.16 -18.16
C LEU A 63 -31.90 10.25 -19.18
N ASP A 64 -31.31 10.21 -20.38
CA ASP A 64 -31.83 9.39 -21.47
C ASP A 64 -30.79 8.34 -21.81
N MET A 65 -30.96 7.12 -21.29
CA MET A 65 -29.99 6.05 -21.51
C MET A 65 -30.41 4.91 -22.44
N LYS A 66 -31.54 5.04 -23.09
CA LYS A 66 -31.97 3.99 -24.01
C LYS A 66 -30.85 3.78 -25.02
N GLY A 67 -30.37 2.54 -25.14
CA GLY A 67 -29.30 2.26 -26.09
C GLY A 67 -27.89 2.36 -25.54
N ASN A 68 -27.74 2.78 -24.29
CA ASN A 68 -26.42 2.89 -23.67
C ASN A 68 -25.80 1.51 -23.49
N MET A 69 -24.54 1.34 -23.86
CA MET A 69 -23.89 0.05 -23.70
C MET A 69 -23.75 -0.28 -22.21
N ASN A 70 -23.55 -1.55 -21.90
CA ASN A 70 -23.40 -1.96 -20.51
C ASN A 70 -22.26 -1.18 -19.88
N SER A 71 -22.45 -0.82 -18.61
CA SER A 71 -21.46 -0.05 -17.84
C SER A 71 -21.19 1.36 -18.36
N GLY A 72 -22.09 1.82 -19.22
CA GLY A 72 -22.00 3.18 -19.71
C GLY A 72 -22.92 3.93 -18.76
N GLY A 73 -23.52 5.03 -19.20
CA GLY A 73 -24.43 5.75 -18.34
C GLY A 73 -23.78 6.53 -17.21
N ILE A 74 -24.44 6.55 -16.05
CA ILE A 74 -23.97 7.28 -14.88
C ILE A 74 -22.71 6.78 -14.20
N TRP A 75 -21.60 7.48 -14.44
CA TRP A 75 -20.33 7.12 -13.82
C TRP A 75 -20.25 7.88 -12.49
N ALA A 76 -19.04 8.05 -11.94
CA ALA A 76 -18.89 8.74 -10.66
C ALA A 76 -19.59 10.09 -10.62
N PRO A 77 -20.45 10.31 -9.61
CA PRO A 77 -21.17 11.57 -9.47
C PRO A 77 -20.58 12.43 -8.34
N CYS A 78 -21.03 13.67 -8.24
CA CYS A 78 -20.57 14.57 -7.18
C CYS A 78 -21.76 15.33 -6.58
N LEU A 79 -21.98 15.11 -5.29
CA LEU A 79 -23.07 15.80 -4.59
C LEU A 79 -22.48 16.83 -3.64
N SER A 80 -22.86 18.10 -3.81
CA SER A 80 -22.37 19.16 -2.93
C SER A 80 -23.53 20.00 -2.45
N TYR A 81 -23.26 20.93 -1.53
CA TYR A 81 -24.28 21.79 -0.98
C TYR A 81 -23.69 23.17 -0.72
N HIS A 82 -24.44 24.21 -1.04
CA HIS A 82 -23.97 25.56 -0.81
C HIS A 82 -25.12 26.55 -0.77
N ASP A 83 -25.16 27.35 0.28
CA ASP A 83 -26.19 28.36 0.46
C ASP A 83 -27.61 27.89 0.15
N GLY A 84 -28.07 26.86 0.86
CA GLY A 84 -29.42 26.36 0.67
C GLY A 84 -29.73 25.56 -0.58
N THR A 85 -28.73 25.25 -1.39
CA THR A 85 -29.00 24.48 -2.59
C THR A 85 -28.04 23.31 -2.79
N PHE A 86 -28.62 22.16 -3.14
CA PHE A 86 -27.86 20.94 -3.39
C PHE A 86 -27.44 20.94 -4.86
N TYR A 87 -26.18 20.62 -5.11
CA TYR A 87 -25.65 20.57 -6.46
C TYR A 87 -25.24 19.13 -6.80
N LEU A 88 -25.79 18.59 -7.90
CA LEU A 88 -25.44 17.24 -8.32
C LEU A 88 -24.80 17.28 -9.70
N ILE A 89 -23.55 16.85 -9.78
CA ILE A 89 -22.84 16.82 -11.05
C ILE A 89 -22.82 15.35 -11.45
N TYR A 90 -23.17 15.08 -12.70
CA TYR A 90 -23.17 13.70 -13.15
C TYR A 90 -22.70 13.57 -14.60
N THR A 91 -22.46 12.32 -15.00
CA THR A 91 -21.96 12.03 -16.33
C THR A 91 -22.75 10.95 -17.02
N ASP A 92 -23.10 11.19 -18.29
CA ASP A 92 -23.79 10.18 -19.08
C ASP A 92 -22.76 9.70 -20.09
N VAL A 93 -22.25 8.48 -19.87
CA VAL A 93 -21.24 7.90 -20.76
C VAL A 93 -21.90 7.15 -21.90
N LYS A 94 -21.59 7.60 -23.12
CA LYS A 94 -22.14 7.00 -24.33
C LYS A 94 -21.24 5.96 -24.98
N GLN A 95 -19.94 6.10 -24.78
CA GLN A 95 -18.97 5.16 -25.34
C GLN A 95 -17.73 5.14 -24.46
N TRP A 96 -17.31 3.96 -24.02
CA TRP A 96 -16.12 3.90 -23.17
C TRP A 96 -15.13 2.79 -23.52
N HIS A 97 -15.52 1.87 -24.40
CA HIS A 97 -14.58 0.84 -24.81
C HIS A 97 -13.77 1.45 -25.94
N GLY A 98 -12.54 1.00 -26.13
CA GLY A 98 -11.74 1.54 -27.20
C GLY A 98 -10.91 2.76 -26.80
N ALA A 99 -10.32 3.40 -27.79
CA ALA A 99 -9.46 4.55 -27.56
C ALA A 99 -10.14 5.82 -27.05
N PHE A 100 -11.42 5.98 -27.35
CA PHE A 100 -12.13 7.18 -26.93
C PHE A 100 -13.07 7.04 -25.75
N LYS A 101 -13.46 8.19 -25.20
CA LYS A 101 -14.38 8.27 -24.10
C LYS A 101 -15.38 9.37 -24.46
N ASP A 102 -16.60 8.97 -24.80
CA ASP A 102 -17.65 9.92 -25.13
C ASP A 102 -18.51 10.01 -23.88
N ALA A 103 -18.29 11.07 -23.12
CA ALA A 103 -19.00 11.27 -21.86
C ALA A 103 -19.37 12.74 -21.70
N HIS A 104 -20.62 12.98 -21.33
CA HIS A 104 -21.14 14.32 -21.17
C HIS A 104 -21.48 14.61 -19.71
N ASN A 105 -20.98 15.73 -19.20
CA ASN A 105 -21.21 16.11 -17.81
C ASN A 105 -22.32 17.14 -17.66
N TYR A 106 -23.19 16.92 -16.66
CA TYR A 106 -24.34 17.78 -16.40
C TYR A 106 -24.45 18.18 -14.93
N LEU A 107 -25.26 19.21 -14.69
CA LEU A 107 -25.53 19.71 -13.34
C LEU A 107 -27.03 19.92 -13.14
N VAL A 108 -27.54 19.41 -12.02
CA VAL A 108 -28.95 19.59 -11.67
C VAL A 108 -28.93 20.07 -10.22
N THR A 109 -29.97 20.79 -9.80
CA THR A 109 -30.04 21.33 -8.45
C THR A 109 -31.36 21.05 -7.76
N ALA A 110 -31.36 21.23 -6.44
CA ALA A 110 -32.54 21.02 -5.61
C ALA A 110 -32.36 21.75 -4.28
N GLN A 111 -33.48 22.05 -3.62
CA GLN A 111 -33.43 22.74 -2.33
C GLN A 111 -33.57 21.69 -1.24
N ASN A 112 -34.08 20.52 -1.63
CA ASN A 112 -34.25 19.40 -0.71
C ASN A 112 -33.64 18.17 -1.36
N ILE A 113 -32.92 17.38 -0.55
CA ILE A 113 -32.25 16.18 -1.05
C ILE A 113 -33.19 15.27 -1.83
N GLU A 114 -34.46 15.23 -1.42
CA GLU A 114 -35.44 14.42 -2.12
C GLU A 114 -36.33 15.34 -2.93
N GLY A 115 -36.38 16.61 -2.52
CA GLY A 115 -37.20 17.61 -3.18
C GLY A 115 -37.02 17.54 -4.68
N PRO A 116 -37.91 18.17 -5.47
CA PRO A 116 -37.76 18.11 -6.92
C PRO A 116 -36.40 18.56 -7.41
N TRP A 117 -35.87 17.81 -8.38
CA TRP A 117 -34.59 18.13 -8.98
C TRP A 117 -34.82 18.77 -10.35
N SER A 118 -34.02 19.77 -10.66
CA SER A 118 -34.12 20.50 -11.91
C SER A 118 -33.68 19.70 -13.13
N ASP A 119 -33.98 20.24 -14.31
CA ASP A 119 -33.53 19.63 -15.54
C ASP A 119 -32.07 20.04 -15.61
N PRO A 120 -31.25 19.28 -16.34
CA PRO A 120 -29.82 19.57 -16.45
C PRO A 120 -29.31 20.79 -17.20
N ILE A 121 -28.12 21.21 -16.77
CA ILE A 121 -27.37 22.29 -17.37
C ILE A 121 -26.13 21.54 -17.87
N TYR A 122 -25.85 21.63 -19.16
CA TYR A 122 -24.69 20.95 -19.72
C TYR A 122 -23.39 21.66 -19.36
N LEU A 123 -22.36 20.90 -19.00
CA LEU A 123 -21.08 21.49 -18.61
C LEU A 123 -20.00 21.31 -19.67
N ASN A 124 -19.44 20.10 -19.78
CA ASN A 124 -18.40 19.81 -20.76
C ASN A 124 -18.34 18.30 -21.05
N SER A 125 -17.36 17.87 -21.83
CA SER A 125 -17.22 16.46 -22.18
C SER A 125 -15.76 16.01 -22.28
N SER A 126 -14.84 16.87 -21.87
CA SER A 126 -13.41 16.58 -21.95
C SER A 126 -12.93 15.35 -21.17
N GLY A 127 -13.74 14.90 -20.23
CA GLY A 127 -13.37 13.73 -19.44
C GLY A 127 -14.43 13.47 -18.40
N PHE A 128 -14.36 12.32 -17.74
CA PHE A 128 -15.33 11.96 -16.72
C PHE A 128 -14.88 12.38 -15.33
N ASP A 129 -15.63 11.93 -14.32
CA ASP A 129 -15.35 12.25 -12.92
C ASP A 129 -15.36 13.76 -12.64
N PRO A 130 -16.44 14.45 -13.05
CA PRO A 130 -16.53 15.90 -12.81
C PRO A 130 -16.87 16.19 -11.35
N SER A 131 -16.36 17.30 -10.84
CA SER A 131 -16.61 17.69 -9.46
C SER A 131 -16.68 19.21 -9.32
N LEU A 132 -17.72 19.70 -8.64
CA LEU A 132 -17.92 21.13 -8.44
C LEU A 132 -17.42 21.59 -7.08
N PHE A 133 -16.53 22.58 -7.08
CA PHE A 133 -15.96 23.12 -5.85
C PHE A 133 -16.50 24.53 -5.58
N HIS A 134 -16.95 24.78 -4.36
CA HIS A 134 -17.46 26.09 -3.98
C HIS A 134 -16.42 26.77 -3.10
N ASP A 135 -15.69 27.74 -3.65
CA ASP A 135 -14.65 28.43 -2.89
C ASP A 135 -15.28 29.44 -1.93
N ASP A 136 -14.53 29.84 -0.90
CA ASP A 136 -15.06 30.79 0.09
C ASP A 136 -15.15 32.22 -0.40
N ASP A 137 -14.81 32.46 -1.67
CA ASP A 137 -14.89 33.81 -2.23
C ASP A 137 -16.13 33.92 -3.12
N GLY A 138 -17.01 32.94 -3.03
CA GLY A 138 -18.22 32.96 -3.82
C GLY A 138 -18.10 32.36 -5.21
N ARG A 139 -16.87 32.12 -5.66
CA ARG A 139 -16.67 31.55 -6.98
C ARG A 139 -16.80 30.03 -6.97
N LYS A 140 -17.18 29.45 -8.12
CA LYS A 140 -17.35 28.02 -8.22
C LYS A 140 -16.48 27.46 -9.33
N TRP A 141 -15.88 26.31 -9.08
CA TRP A 141 -14.98 25.68 -10.04
C TRP A 141 -15.29 24.22 -10.31
N LEU A 142 -15.09 23.81 -11.56
CA LEU A 142 -15.31 22.43 -11.95
C LEU A 142 -13.99 21.77 -12.31
N VAL A 143 -13.73 20.61 -11.71
CA VAL A 143 -12.54 19.85 -12.02
C VAL A 143 -13.02 18.50 -12.55
N ASN A 144 -12.25 17.93 -13.46
CA ASN A 144 -12.56 16.61 -14.01
C ASN A 144 -11.28 16.08 -14.64
N MET A 145 -11.21 14.79 -14.94
CA MET A 145 -10.02 14.25 -15.57
C MET A 145 -10.15 14.56 -17.06
N ILE A 146 -9.02 14.62 -17.75
CA ILE A 146 -9.04 14.88 -19.19
C ILE A 146 -8.54 13.61 -19.87
N TRP A 147 -9.26 13.18 -20.89
CA TRP A 147 -8.93 11.97 -21.62
C TRP A 147 -8.18 12.24 -22.92
N ASP A 148 -7.01 11.61 -23.05
CA ASP A 148 -6.20 11.75 -24.25
C ASP A 148 -6.23 10.41 -25.00
N TYR A 149 -6.90 10.41 -26.15
CA TYR A 149 -7.07 9.22 -26.97
C TYR A 149 -5.90 8.92 -27.91
N ARG A 150 -4.94 9.83 -27.99
CA ARG A 150 -3.83 9.66 -28.92
C ARG A 150 -2.89 8.47 -28.69
N LYS A 151 -2.48 7.89 -29.82
CA LYS A 151 -1.64 6.70 -29.88
C LYS A 151 -0.57 6.46 -28.80
N GLY A 152 0.46 7.29 -28.75
CA GLY A 152 1.50 7.06 -27.77
C GLY A 152 1.44 7.77 -26.43
N ASN A 153 0.23 8.10 -25.96
CA ASN A 153 0.12 8.78 -24.69
C ASN A 153 -0.75 8.05 -23.67
N HIS A 154 -0.49 8.30 -22.39
CA HIS A 154 -1.28 7.69 -21.34
C HIS A 154 -2.60 8.44 -21.44
N PRO A 155 -3.73 7.71 -21.56
CA PRO A 155 -5.05 8.34 -21.67
C PRO A 155 -5.47 9.24 -20.50
N PHE A 156 -5.03 8.93 -19.30
CA PHE A 156 -5.37 9.73 -18.13
C PHE A 156 -4.35 10.87 -18.09
N ALA A 157 -4.63 11.93 -18.84
CA ALA A 157 -3.73 13.07 -18.98
C ALA A 157 -3.74 14.09 -17.84
N GLY A 158 -4.39 13.76 -16.73
CA GLY A 158 -4.40 14.69 -15.60
C GLY A 158 -5.73 15.25 -15.17
N ILE A 159 -5.65 16.24 -14.29
CA ILE A 159 -6.83 16.92 -13.74
C ILE A 159 -6.93 18.31 -14.33
N ILE A 160 -8.11 18.64 -14.84
CA ILE A 160 -8.34 19.93 -15.45
C ILE A 160 -9.22 20.80 -14.57
N LEU A 161 -9.06 22.12 -14.71
CA LEU A 161 -9.82 23.09 -13.92
C LEU A 161 -10.40 24.22 -14.77
N GLN A 162 -11.66 24.55 -14.53
CA GLN A 162 -12.31 25.65 -15.25
C GLN A 162 -13.42 26.20 -14.36
N GLU A 163 -13.53 27.52 -14.33
CA GLU A 163 -14.54 28.17 -13.50
C GLU A 163 -15.95 28.00 -14.04
N TYR A 164 -16.90 27.87 -13.12
CA TYR A 164 -18.30 27.71 -13.48
C TYR A 164 -19.06 28.97 -13.08
N SER A 165 -19.84 29.51 -14.01
CA SER A 165 -20.63 30.71 -13.76
C SER A 165 -22.08 30.32 -13.55
N GLU A 166 -22.55 30.43 -12.32
CA GLU A 166 -23.92 30.08 -12.02
C GLU A 166 -24.86 31.09 -12.68
N ALA A 167 -24.37 32.31 -12.83
CA ALA A 167 -25.13 33.38 -13.47
C ALA A 167 -25.45 33.02 -14.91
N GLU A 168 -24.41 32.65 -15.65
CA GLU A 168 -24.56 32.29 -17.05
C GLU A 168 -24.84 30.81 -17.27
N GLN A 169 -24.83 30.05 -16.18
CA GLN A 169 -25.09 28.61 -16.23
C GLN A 169 -24.23 27.91 -17.29
N LYS A 170 -22.93 28.12 -17.22
CA LYS A 170 -21.99 27.51 -18.14
C LYS A 170 -20.58 27.71 -17.63
N LEU A 171 -19.64 26.93 -18.14
CA LEU A 171 -18.25 27.06 -17.74
C LEU A 171 -17.72 28.29 -18.46
N VAL A 172 -16.83 29.02 -17.80
CA VAL A 172 -16.28 30.24 -18.39
C VAL A 172 -14.80 30.37 -18.10
N GLY A 173 -14.10 31.17 -18.90
CA GLY A 173 -12.69 31.40 -18.68
C GLY A 173 -11.77 30.30 -19.18
N PRO A 174 -10.46 30.46 -18.95
CA PRO A 174 -9.45 29.49 -19.38
C PRO A 174 -9.52 28.16 -18.63
N VAL A 175 -9.02 27.11 -19.27
CA VAL A 175 -8.98 25.78 -18.69
C VAL A 175 -7.52 25.51 -18.40
N LYS A 176 -7.23 24.94 -17.24
CA LYS A 176 -5.84 24.64 -16.89
C LYS A 176 -5.69 23.23 -16.34
N ASN A 177 -4.60 22.58 -16.71
CA ASN A 177 -4.31 21.24 -16.21
C ASN A 177 -3.53 21.53 -14.93
N ILE A 178 -4.12 21.24 -13.78
CA ILE A 178 -3.48 21.53 -12.50
C ILE A 178 -2.71 20.42 -11.81
N TYR A 179 -2.92 19.18 -12.23
CA TYR A 179 -2.24 18.06 -11.59
C TYR A 179 -2.19 16.85 -12.51
N LYS A 180 -1.02 16.20 -12.57
CA LYS A 180 -0.83 15.05 -13.44
C LYS A 180 -0.86 13.70 -12.71
N GLY A 181 -0.96 13.74 -11.38
CA GLY A 181 -1.00 12.50 -10.61
C GLY A 181 0.37 11.91 -10.33
N THR A 182 0.39 10.69 -9.79
CA THR A 182 1.64 10.02 -9.44
C THR A 182 1.96 8.85 -10.36
N ASP A 183 2.99 8.10 -10.00
CA ASP A 183 3.41 6.95 -10.79
C ASP A 183 2.40 5.81 -10.69
N ILE A 184 1.37 5.97 -9.86
CA ILE A 184 0.34 4.95 -9.76
C ILE A 184 -0.52 5.07 -11.01
N GLN A 185 -0.54 6.29 -11.56
CA GLN A 185 -1.26 6.63 -12.79
C GLN A 185 -2.78 6.40 -12.80
N LEU A 186 -3.38 6.50 -13.98
CA LEU A 186 -4.83 6.37 -14.14
C LEU A 186 -5.50 7.33 -13.16
N THR A 187 -4.95 8.54 -13.08
CA THR A 187 -5.44 9.58 -12.18
C THR A 187 -6.83 10.09 -12.58
N GLU A 188 -7.76 10.03 -11.64
CA GLU A 188 -9.13 10.47 -11.89
C GLU A 188 -9.81 10.86 -10.57
N GLY A 189 -11.14 10.90 -10.57
CA GLY A 189 -11.88 11.25 -9.36
C GLY A 189 -11.40 12.46 -8.56
N PRO A 190 -11.11 13.60 -9.22
CA PRO A 190 -10.64 14.79 -8.51
C PRO A 190 -11.67 15.48 -7.63
N HIS A 191 -11.24 15.86 -6.43
CA HIS A 191 -12.09 16.55 -5.47
C HIS A 191 -11.26 17.64 -4.78
N LEU A 192 -11.82 18.84 -4.71
CA LEU A 192 -11.12 19.96 -4.08
C LEU A 192 -11.67 20.25 -2.70
N TYR A 193 -10.77 20.54 -1.77
CA TYR A 193 -11.12 20.88 -0.39
C TYR A 193 -10.20 22.01 0.05
N LYS A 194 -10.71 22.93 0.86
CA LYS A 194 -9.88 24.03 1.32
C LYS A 194 -9.73 23.89 2.83
N LYS A 195 -8.48 23.80 3.29
CA LYS A 195 -8.22 23.67 4.72
C LYS A 195 -6.90 24.27 5.15
N ASP A 196 -6.96 25.07 6.21
CA ASP A 196 -5.78 25.71 6.78
C ASP A 196 -4.87 26.39 5.76
N GLY A 197 -5.47 27.21 4.90
CA GLY A 197 -4.68 27.91 3.91
C GLY A 197 -4.29 27.14 2.67
N TYR A 198 -4.57 25.84 2.64
CA TYR A 198 -4.24 25.01 1.48
C TYR A 198 -5.45 24.57 0.69
N TYR A 199 -5.22 24.32 -0.60
CA TYR A 199 -6.23 23.79 -1.48
C TYR A 199 -5.77 22.34 -1.57
N TYR A 200 -6.60 21.43 -1.07
CA TYR A 200 -6.27 20.02 -1.09
C TYR A 200 -6.98 19.36 -2.26
N LEU A 201 -6.22 18.59 -3.04
CA LEU A 201 -6.78 17.88 -4.19
C LEU A 201 -6.68 16.39 -3.96
N LEU A 202 -7.84 15.77 -3.74
CA LEU A 202 -7.92 14.32 -3.54
C LEU A 202 -8.20 13.72 -4.91
N VAL A 203 -7.52 12.63 -5.22
CA VAL A 203 -7.70 12.01 -6.52
C VAL A 203 -7.69 10.49 -6.39
N ALA A 204 -8.24 9.81 -7.39
CA ALA A 204 -8.25 8.34 -7.40
C ALA A 204 -7.17 7.94 -8.39
N GLU A 205 -6.51 6.82 -8.15
CA GLU A 205 -5.45 6.36 -9.04
C GLU A 205 -5.38 4.84 -9.13
N GLY A 206 -4.63 4.35 -10.11
CA GLY A 206 -4.43 2.91 -10.27
C GLY A 206 -5.53 2.11 -10.95
N GLY A 207 -6.66 2.74 -11.26
CA GLY A 207 -7.74 2.00 -11.89
C GLY A 207 -8.64 1.46 -10.78
N THR A 208 -9.94 1.37 -11.06
CA THR A 208 -10.88 0.90 -10.04
C THR A 208 -10.85 -0.60 -9.74
N GLU A 209 -9.76 -1.26 -10.08
CA GLU A 209 -9.65 -2.69 -9.81
C GLU A 209 -8.73 -2.92 -8.61
N TYR A 210 -7.97 -4.01 -8.61
CA TYR A 210 -7.11 -4.34 -7.48
C TYR A 210 -5.93 -3.43 -7.15
N GLU A 211 -5.59 -2.52 -8.05
CA GLU A 211 -4.49 -1.59 -7.82
C GLU A 211 -5.03 -0.19 -7.51
N HIS A 212 -6.33 -0.12 -7.23
CA HIS A 212 -6.99 1.15 -6.91
C HIS A 212 -6.34 1.83 -5.70
N ALA A 213 -6.43 3.16 -5.67
CA ALA A 213 -5.89 3.94 -4.57
C ALA A 213 -6.46 5.34 -4.53
N ALA A 214 -6.22 6.02 -3.41
CA ALA A 214 -6.65 7.40 -3.22
C ALA A 214 -5.39 8.14 -2.80
N THR A 215 -5.04 9.22 -3.50
CA THR A 215 -3.85 9.99 -3.14
C THR A 215 -4.23 11.46 -2.94
N LEU A 216 -3.58 12.08 -1.96
CA LEU A 216 -3.84 13.48 -1.63
C LEU A 216 -2.68 14.37 -2.06
N ALA A 217 -3.02 15.57 -2.53
CA ALA A 217 -2.03 16.55 -2.97
C ALA A 217 -2.53 17.91 -2.45
N ARG A 218 -1.67 18.93 -2.46
CA ARG A 218 -2.08 20.24 -1.98
C ARG A 218 -1.29 21.37 -2.65
N SER A 219 -1.85 22.57 -2.56
CA SER A 219 -1.22 23.75 -3.14
C SER A 219 -1.79 25.00 -2.48
N GLN A 220 -1.00 26.07 -2.49
CA GLN A 220 -1.45 27.33 -1.90
C GLN A 220 -2.39 28.05 -2.87
N SER A 221 -2.40 27.62 -4.12
CA SER A 221 -3.28 28.23 -5.12
C SER A 221 -4.15 27.13 -5.77
N ILE A 222 -5.38 27.48 -6.10
CA ILE A 222 -6.32 26.52 -6.68
C ILE A 222 -5.83 25.92 -7.99
N ASP A 223 -5.05 26.68 -8.75
CA ASP A 223 -4.56 26.18 -10.03
C ASP A 223 -3.17 25.55 -9.96
N GLY A 224 -2.70 25.29 -8.75
CA GLY A 224 -1.39 24.67 -8.58
C GLY A 224 -0.19 25.58 -8.61
N PRO A 225 1.03 25.01 -8.69
CA PRO A 225 1.31 23.57 -8.76
C PRO A 225 1.00 22.81 -7.48
N TYR A 226 0.55 21.57 -7.63
CA TYR A 226 0.21 20.73 -6.50
C TYR A 226 1.32 19.78 -6.12
N GLU A 227 1.59 19.72 -4.82
CA GLU A 227 2.60 18.85 -4.26
C GLU A 227 1.85 17.62 -3.74
N THR A 228 2.37 16.43 -4.03
CA THR A 228 1.73 15.22 -3.58
C THR A 228 2.25 14.76 -2.21
N ASP A 229 1.36 14.17 -1.41
CA ASP A 229 1.74 13.66 -0.08
C ASP A 229 2.90 12.69 -0.28
N PRO A 230 4.07 13.00 0.33
CA PRO A 230 5.23 12.11 0.20
C PRO A 230 4.92 10.67 0.57
N SER A 231 3.96 10.49 1.47
CA SER A 231 3.58 9.16 1.94
C SER A 231 2.44 8.54 1.14
N TYR A 232 2.16 9.05 -0.05
CA TYR A 232 1.07 8.54 -0.87
C TYR A 232 1.21 7.03 -1.11
N PRO A 233 0.08 6.33 -1.32
CA PRO A 233 -1.30 6.84 -1.33
C PRO A 233 -1.93 6.88 0.05
N LEU A 234 -3.02 7.63 0.17
CA LEU A 234 -3.75 7.74 1.44
C LEU A 234 -4.40 6.42 1.79
N VAL A 235 -4.96 5.75 0.79
CA VAL A 235 -5.58 4.44 1.01
C VAL A 235 -5.42 3.58 -0.24
N THR A 236 -5.30 2.27 -0.03
CA THR A 236 -5.14 1.31 -1.13
C THR A 236 -5.13 -0.11 -0.57
N SER A 237 -5.42 -1.10 -1.41
CA SER A 237 -5.41 -2.50 -1.00
C SER A 237 -4.45 -3.31 -1.87
N THR A 238 -3.86 -2.63 -2.86
CA THR A 238 -2.97 -3.23 -3.85
C THR A 238 -2.40 -4.62 -3.65
N GLY A 239 -1.22 -4.74 -3.05
CA GLY A 239 -0.63 -6.06 -2.88
C GLY A 239 -0.94 -6.74 -1.56
N GLN A 240 -2.19 -6.66 -1.14
CA GLN A 240 -2.59 -7.26 0.13
C GLN A 240 -3.87 -8.08 0.03
N PRO A 241 -3.75 -9.33 -0.47
CA PRO A 241 -4.89 -10.22 -0.63
C PRO A 241 -5.62 -10.52 0.69
N GLU A 242 -4.91 -10.38 1.81
CA GLU A 242 -5.50 -10.66 3.12
C GLU A 242 -6.58 -9.66 3.53
N LEU A 243 -6.54 -8.45 2.96
CA LEU A 243 -7.54 -7.44 3.31
C LEU A 243 -8.96 -7.84 2.93
N ALA A 244 -9.87 -7.68 3.87
CA ALA A 244 -11.28 -7.99 3.62
C ALA A 244 -11.79 -7.04 2.54
N LEU A 245 -11.33 -5.79 2.58
CA LEU A 245 -11.75 -4.79 1.62
C LEU A 245 -10.66 -4.54 0.59
N GLN A 246 -10.94 -4.95 -0.65
CA GLN A 246 -9.99 -4.78 -1.75
C GLN A 246 -10.41 -3.56 -2.58
N LYS A 247 -9.57 -3.19 -3.54
CA LYS A 247 -9.88 -2.08 -4.45
C LYS A 247 -10.16 -0.73 -3.78
N ALA A 248 -9.60 -0.50 -2.59
CA ALA A 248 -9.84 0.77 -1.89
C ALA A 248 -9.36 1.97 -2.72
N GLY A 249 -10.29 2.87 -3.02
CA GLY A 249 -9.96 4.05 -3.81
C GLY A 249 -11.19 4.89 -4.13
N HIS A 250 -10.99 5.95 -4.91
CA HIS A 250 -12.04 6.88 -5.31
C HIS A 250 -12.88 7.31 -4.11
N GLY A 251 -12.27 8.05 -3.19
CA GLY A 251 -13.01 8.50 -2.04
C GLY A 251 -13.33 9.98 -2.06
N SER A 252 -14.00 10.44 -1.01
CA SER A 252 -14.34 11.84 -0.85
C SER A 252 -14.26 12.07 0.65
N LEU A 253 -13.93 13.29 1.06
CA LEU A 253 -13.76 13.62 2.47
C LEU A 253 -14.88 14.44 3.09
N VAL A 254 -15.10 14.23 4.38
CA VAL A 254 -16.11 14.97 5.12
C VAL A 254 -15.60 15.22 6.53
N GLU A 255 -15.96 16.38 7.08
CA GLU A 255 -15.55 16.76 8.43
C GLU A 255 -16.83 16.84 9.25
N THR A 256 -16.82 16.20 10.43
CA THR A 256 -18.00 16.21 11.28
C THR A 256 -18.10 17.51 12.05
N GLN A 257 -19.18 17.63 12.83
CA GLN A 257 -19.41 18.81 13.64
C GLN A 257 -18.30 18.96 14.71
N ASN A 258 -17.66 17.85 15.05
CA ASN A 258 -16.61 17.85 16.07
C ASN A 258 -15.21 18.10 15.51
N GLY A 259 -15.09 18.14 14.19
CA GLY A 259 -13.78 18.34 13.60
C GLY A 259 -13.12 17.01 13.27
N GLU A 260 -13.91 15.94 13.28
CA GLU A 260 -13.40 14.61 12.95
C GLU A 260 -13.47 14.48 11.43
N TRP A 261 -12.54 13.75 10.84
CA TRP A 261 -12.53 13.57 9.40
C TRP A 261 -12.70 12.11 9.00
N TYR A 262 -13.49 11.90 7.96
CA TYR A 262 -13.76 10.56 7.44
C TYR A 262 -13.61 10.52 5.92
N LEU A 263 -13.15 9.37 5.43
CA LEU A 263 -12.97 9.15 4.00
C LEU A 263 -13.90 8.05 3.52
N ALA A 264 -14.89 8.41 2.72
CA ALA A 264 -15.81 7.43 2.14
C ALA A 264 -15.10 7.00 0.87
N HIS A 265 -15.05 5.71 0.60
CA HIS A 265 -14.37 5.20 -0.59
C HIS A 265 -15.01 3.90 -1.04
N LEU A 266 -14.77 3.51 -2.28
CA LEU A 266 -15.34 2.27 -2.78
C LEU A 266 -14.38 1.11 -2.46
N CYS A 267 -14.89 -0.11 -2.55
CA CYS A 267 -14.08 -1.28 -2.29
C CYS A 267 -14.77 -2.49 -2.93
N GLY A 268 -14.09 -3.63 -2.88
CA GLY A 268 -14.66 -4.85 -3.44
C GLY A 268 -14.36 -6.02 -2.50
N ARG A 269 -15.27 -6.99 -2.47
CA ARG A 269 -15.11 -8.18 -1.63
C ARG A 269 -15.22 -9.35 -2.59
N PRO A 270 -14.09 -9.79 -3.17
CA PRO A 270 -14.01 -10.89 -4.12
C PRO A 270 -14.26 -12.29 -3.59
N LEU A 271 -14.89 -13.11 -4.44
CA LEU A 271 -15.15 -14.50 -4.13
C LEU A 271 -14.20 -15.28 -5.02
N LYS A 272 -13.78 -16.46 -4.57
CA LYS A 272 -12.87 -17.30 -5.33
C LYS A 272 -11.65 -16.51 -5.79
N GLY A 273 -11.15 -15.66 -4.91
CA GLY A 273 -9.97 -14.87 -5.24
C GLY A 273 -10.14 -13.52 -5.92
N LYS A 274 -11.04 -13.42 -6.90
CA LYS A 274 -11.17 -12.13 -7.59
C LYS A 274 -12.54 -11.77 -8.18
N TYR A 275 -13.59 -12.51 -7.83
CA TYR A 275 -14.91 -12.22 -8.40
C TYR A 275 -15.86 -11.50 -7.47
N CYS A 276 -16.06 -10.21 -7.74
CA CYS A 276 -16.94 -9.39 -6.93
C CYS A 276 -18.37 -9.40 -7.47
N THR A 277 -19.14 -10.40 -7.01
CA THR A 277 -20.52 -10.55 -7.42
C THR A 277 -21.38 -9.37 -6.95
N LEU A 278 -20.97 -8.76 -5.83
CA LEU A 278 -21.71 -7.63 -5.28
C LEU A 278 -21.25 -6.29 -5.86
N GLY A 279 -20.34 -6.34 -6.83
CA GLY A 279 -19.82 -5.12 -7.44
C GLY A 279 -18.96 -4.33 -6.48
N ARG A 280 -18.87 -3.01 -6.69
CA ARG A 280 -18.10 -2.16 -5.80
C ARG A 280 -19.03 -1.56 -4.77
N GLU A 281 -18.62 -1.64 -3.51
CA GLU A 281 -19.43 -1.17 -2.40
C GLU A 281 -18.79 0.05 -1.71
N THR A 282 -19.57 0.73 -0.87
CA THR A 282 -19.06 1.89 -0.16
C THR A 282 -18.63 1.58 1.26
N ALA A 283 -17.43 2.02 1.61
CA ALA A 283 -16.87 1.86 2.94
C ALA A 283 -16.45 3.23 3.43
N ILE A 284 -16.13 3.36 4.70
CA ILE A 284 -15.71 4.64 5.23
C ILE A 284 -14.60 4.41 6.23
N GLN A 285 -13.63 5.33 6.25
CA GLN A 285 -12.49 5.23 7.15
C GLN A 285 -12.37 6.52 7.95
N LYS A 286 -11.82 6.41 9.15
CA LYS A 286 -11.60 7.60 9.95
C LYS A 286 -10.18 8.02 9.59
N VAL A 287 -9.99 9.30 9.29
CA VAL A 287 -8.66 9.77 8.93
C VAL A 287 -8.28 10.94 9.82
N ASN A 288 -7.00 11.00 10.19
CA ASN A 288 -6.50 12.07 11.06
C ASN A 288 -5.50 12.93 10.31
N TRP A 289 -5.50 14.22 10.61
CA TRP A 289 -4.54 15.13 10.00
C TRP A 289 -3.22 14.98 10.75
N THR A 290 -2.12 14.99 10.00
CA THR A 290 -0.79 14.84 10.58
C THR A 290 -0.17 16.18 10.95
N GLU A 291 0.90 16.12 11.76
CA GLU A 291 1.60 17.32 12.18
C GLU A 291 2.07 18.14 10.97
N ASP A 292 2.36 17.46 9.87
CA ASP A 292 2.82 18.17 8.69
C ASP A 292 1.76 18.44 7.61
N GLY A 293 0.49 18.42 8.01
CA GLY A 293 -0.58 18.73 7.07
C GLY A 293 -1.06 17.73 6.04
N TRP A 294 -1.03 16.44 6.36
CA TRP A 294 -1.52 15.41 5.45
C TRP A 294 -2.54 14.56 6.20
N LEU A 295 -3.17 13.63 5.50
CA LEU A 295 -4.15 12.75 6.13
C LEU A 295 -3.62 11.33 6.20
N ARG A 296 -4.11 10.57 7.17
CA ARG A 296 -3.68 9.19 7.34
C ARG A 296 -4.80 8.39 8.01
N ILE A 297 -4.92 7.12 7.63
CA ILE A 297 -5.94 6.26 8.23
C ILE A 297 -5.69 6.27 9.73
N GLU A 298 -6.76 6.12 10.50
CA GLU A 298 -6.69 6.16 11.96
C GLU A 298 -5.68 5.24 12.66
N ASP A 299 -5.31 4.11 12.04
CA ASP A 299 -4.35 3.23 12.70
C ASP A 299 -2.91 3.48 12.26
N GLY A 300 -2.71 4.58 11.54
CA GLY A 300 -1.38 4.93 11.08
C GLY A 300 -1.00 4.25 9.79
N GLY A 301 -1.86 3.34 9.34
CA GLY A 301 -1.59 2.61 8.11
C GLY A 301 -2.05 3.27 6.82
N ASN A 302 -2.00 2.48 5.75
CA ASN A 302 -2.36 2.92 4.41
C ASN A 302 -3.50 2.05 3.82
N HIS A 303 -4.04 1.16 4.64
CA HIS A 303 -5.08 0.25 4.18
C HIS A 303 -6.46 0.51 4.78
N PRO A 304 -7.51 0.01 4.12
CA PRO A 304 -8.86 0.20 4.61
C PRO A 304 -9.13 -0.77 5.76
N LEU A 305 -9.83 -0.31 6.78
CA LEU A 305 -10.16 -1.17 7.92
C LEU A 305 -11.61 -1.61 7.74
N ARG A 306 -11.92 -2.83 8.16
CA ARG A 306 -13.28 -3.34 8.04
C ARG A 306 -14.16 -2.75 9.14
N GLU A 307 -13.57 -2.54 10.31
CA GLU A 307 -14.29 -1.95 11.44
C GLU A 307 -13.58 -0.63 11.74
N VAL A 308 -14.38 0.44 11.81
CA VAL A 308 -13.86 1.77 12.02
C VAL A 308 -14.47 2.50 13.21
N THR A 309 -13.66 3.28 13.91
CA THR A 309 -14.14 4.01 15.07
C THR A 309 -15.18 5.03 14.62
N ALA A 310 -16.35 5.00 15.26
CA ALA A 310 -17.44 5.89 14.92
C ALA A 310 -17.24 7.30 15.49
N PRO A 311 -17.88 8.30 14.86
CA PRO A 311 -17.75 9.68 15.34
C PRO A 311 -18.53 9.87 16.64
N ASP A 312 -18.15 10.88 17.41
CA ASP A 312 -18.82 11.15 18.67
C ASP A 312 -20.15 11.86 18.44
N LEU A 313 -21.13 11.09 17.99
CA LEU A 313 -22.47 11.62 17.70
C LEU A 313 -23.50 10.66 18.28
N PRO A 314 -24.70 11.17 18.59
CA PRO A 314 -25.72 10.28 19.15
C PRO A 314 -26.11 9.23 18.12
N GLU A 315 -26.25 7.98 18.56
CA GLU A 315 -26.61 6.91 17.65
C GLU A 315 -27.99 7.18 17.06
N HIS A 316 -28.14 6.95 15.76
CA HIS A 316 -29.40 7.20 15.09
C HIS A 316 -29.75 6.10 14.10
N PRO A 317 -30.19 4.94 14.60
CA PRO A 317 -30.54 3.83 13.70
C PRO A 317 -31.85 4.13 12.97
N PHE A 318 -32.10 3.39 11.89
CA PHE A 318 -33.31 3.56 11.08
C PHE A 318 -34.13 2.28 11.10
N GLU A 319 -35.42 2.40 10.77
CA GLU A 319 -36.31 1.25 10.73
C GLU A 319 -35.85 0.35 9.60
N LYS A 320 -35.79 -0.96 9.85
CA LYS A 320 -35.36 -1.91 8.83
C LYS A 320 -36.37 -2.02 7.70
N GLU A 321 -35.86 -2.13 6.47
CA GLU A 321 -36.71 -2.24 5.29
C GLU A 321 -37.42 -3.60 5.31
N PRO A 322 -38.69 -3.63 4.84
CA PRO A 322 -39.44 -4.88 4.82
C PRO A 322 -38.80 -5.93 3.91
N GLU A 323 -39.00 -7.19 4.28
CA GLU A 323 -38.46 -8.33 3.55
C GLU A 323 -39.33 -8.63 2.33
N LEU A 324 -40.62 -8.34 2.44
CA LEU A 324 -41.57 -8.61 1.38
C LEU A 324 -42.19 -7.36 0.77
N ASP A 325 -42.41 -7.39 -0.54
CA ASP A 325 -43.06 -6.29 -1.24
C ASP A 325 -44.31 -6.96 -1.82
N ASP A 326 -45.48 -6.58 -1.30
CA ASP A 326 -46.74 -7.16 -1.74
C ASP A 326 -47.37 -6.37 -2.89
N PHE A 327 -46.66 -5.33 -3.33
CA PHE A 327 -47.11 -4.48 -4.44
C PHE A 327 -48.49 -3.86 -4.25
N ASP A 328 -48.77 -3.40 -3.03
CA ASP A 328 -50.06 -2.78 -2.74
C ASP A 328 -50.03 -1.27 -2.94
N ALA A 329 -48.84 -0.69 -2.88
CA ALA A 329 -48.69 0.75 -3.07
C ALA A 329 -48.72 1.08 -4.57
N PRO A 330 -49.28 2.26 -4.93
CA PRO A 330 -49.36 2.69 -6.32
C PRO A 330 -48.01 3.03 -6.95
N GLN A 331 -47.00 3.28 -6.12
CA GLN A 331 -45.65 3.58 -6.61
C GLN A 331 -44.69 2.46 -6.24
N LEU A 332 -43.74 2.16 -7.15
CA LEU A 332 -42.75 1.12 -6.90
C LEU A 332 -41.88 1.49 -5.72
N HIS A 333 -41.58 0.50 -4.88
CA HIS A 333 -40.71 0.70 -3.73
C HIS A 333 -39.40 1.23 -4.27
N HIS A 334 -38.72 2.07 -3.48
CA HIS A 334 -37.47 2.69 -3.90
C HIS A 334 -36.31 1.75 -4.21
N GLN A 335 -36.37 0.51 -3.74
CA GLN A 335 -35.27 -0.42 -4.01
C GLN A 335 -35.31 -0.95 -5.45
N TRP A 336 -36.45 -0.80 -6.12
CA TRP A 336 -36.59 -1.28 -7.48
C TRP A 336 -35.98 -0.34 -8.52
N ASN A 337 -35.33 -0.93 -9.52
CA ASN A 337 -34.71 -0.17 -10.61
C ASN A 337 -35.08 -0.84 -11.92
N THR A 338 -34.97 -0.09 -13.01
CA THR A 338 -35.26 -0.64 -14.33
C THR A 338 -33.99 -0.41 -15.14
N LEU A 339 -33.91 -1.05 -16.31
CA LEU A 339 -32.72 -0.89 -17.14
C LEU A 339 -32.84 0.25 -18.14
N ARG A 340 -31.99 1.24 -17.97
CA ARG A 340 -31.89 2.39 -18.86
C ARG A 340 -33.06 3.35 -18.97
N ILE A 341 -34.27 2.82 -19.12
CA ILE A 341 -35.45 3.65 -19.26
C ILE A 341 -36.36 3.64 -18.03
N PRO A 342 -37.15 4.71 -17.85
CA PRO A 342 -38.05 4.76 -16.69
C PRO A 342 -39.20 3.78 -16.87
N ALA A 343 -39.73 3.25 -15.78
CA ALA A 343 -40.86 2.35 -15.87
C ALA A 343 -42.01 3.19 -16.42
N ASP A 344 -42.82 2.61 -17.29
CA ASP A 344 -43.94 3.32 -17.89
C ASP A 344 -45.18 2.44 -17.78
N PRO A 345 -46.34 3.05 -17.51
CA PRO A 345 -47.61 2.31 -17.37
C PRO A 345 -47.89 1.33 -18.50
N SER A 346 -47.38 1.62 -19.69
CA SER A 346 -47.60 0.76 -20.85
C SER A 346 -47.00 -0.64 -20.68
N TRP A 347 -45.98 -0.78 -19.84
CA TRP A 347 -45.36 -2.09 -19.63
C TRP A 347 -45.09 -2.45 -18.19
N CYS A 348 -45.28 -1.49 -17.29
CA CYS A 348 -45.04 -1.70 -15.87
C CYS A 348 -46.15 -0.97 -15.11
N SER A 349 -47.10 -1.74 -14.58
CA SER A 349 -48.22 -1.12 -13.87
C SER A 349 -48.61 -1.75 -12.54
N LEU A 350 -48.89 -0.90 -11.57
CA LEU A 350 -49.32 -1.31 -10.24
C LEU A 350 -50.80 -0.96 -10.04
N GLU A 351 -51.39 -0.28 -11.03
CA GLU A 351 -52.79 0.11 -10.93
C GLU A 351 -53.76 -0.67 -11.82
N GLU A 352 -53.22 -1.38 -12.82
CA GLU A 352 -54.07 -2.16 -13.71
C GLU A 352 -54.71 -3.31 -12.92
N ARG A 353 -53.94 -3.86 -12.00
CA ARG A 353 -54.40 -4.94 -11.15
C ARG A 353 -53.79 -4.72 -9.77
N PRO A 354 -54.48 -3.91 -8.94
CA PRO A 354 -54.01 -3.59 -7.59
C PRO A 354 -53.50 -4.82 -6.82
N GLY A 355 -52.44 -4.61 -6.04
CA GLY A 355 -51.86 -5.69 -5.26
C GLY A 355 -50.94 -6.56 -6.08
N HIS A 356 -50.75 -6.21 -7.35
CA HIS A 356 -49.90 -6.98 -8.24
C HIS A 356 -49.05 -6.08 -9.14
N LEU A 357 -47.83 -6.50 -9.44
CA LEU A 357 -46.99 -5.75 -10.36
C LEU A 357 -47.22 -6.38 -11.72
N ARG A 358 -47.87 -5.66 -12.62
CA ARG A 358 -48.12 -6.20 -13.95
C ARG A 358 -47.07 -5.67 -14.93
N LEU A 359 -46.32 -6.60 -15.52
CA LEU A 359 -45.30 -6.25 -16.49
C LEU A 359 -45.72 -6.82 -17.84
N ARG A 360 -45.61 -6.02 -18.89
CA ARG A 360 -45.97 -6.49 -20.22
C ARG A 360 -44.69 -6.76 -20.98
N GLY A 361 -44.58 -7.96 -21.52
CA GLY A 361 -43.39 -8.36 -22.24
C GLY A 361 -42.88 -7.50 -23.38
N MET A 362 -41.59 -7.22 -23.36
CA MET A 362 -40.96 -6.46 -24.43
C MET A 362 -39.73 -7.24 -24.93
N GLU A 363 -38.58 -6.58 -25.07
CA GLU A 363 -37.37 -7.21 -25.61
C GLU A 363 -36.64 -8.25 -24.75
N SER A 364 -35.76 -9.01 -25.39
CA SER A 364 -34.98 -10.06 -24.71
C SER A 364 -34.04 -9.53 -23.65
N LEU A 365 -33.49 -10.44 -22.87
CA LEU A 365 -32.53 -10.10 -21.82
C LEU A 365 -31.20 -9.65 -22.38
N THR A 366 -31.05 -9.71 -23.71
CA THR A 366 -29.81 -9.29 -24.34
C THR A 366 -29.92 -7.92 -24.99
N SER A 367 -31.07 -7.27 -24.82
CA SER A 367 -31.27 -5.96 -25.42
C SER A 367 -30.87 -4.79 -24.53
N VAL A 368 -30.24 -3.80 -25.15
CA VAL A 368 -29.79 -2.62 -24.46
C VAL A 368 -30.78 -1.46 -24.69
N HIS A 369 -31.97 -1.80 -25.15
CA HIS A 369 -32.97 -0.77 -25.40
C HIS A 369 -34.15 -0.82 -24.43
N SER A 370 -35.16 -1.64 -24.72
CA SER A 370 -36.35 -1.71 -23.88
C SER A 370 -36.69 -3.08 -23.34
N GLN A 371 -36.26 -3.35 -22.11
CA GLN A 371 -36.54 -4.63 -21.44
C GLN A 371 -37.55 -4.42 -20.31
N SER A 372 -38.53 -5.31 -20.22
CA SER A 372 -39.51 -5.23 -19.15
C SER A 372 -38.90 -6.01 -17.99
N LEU A 373 -37.98 -5.35 -17.29
CA LEU A 373 -37.27 -5.95 -16.16
C LEU A 373 -37.24 -4.97 -15.00
N VAL A 374 -37.58 -5.47 -13.81
CA VAL A 374 -37.59 -4.68 -12.59
C VAL A 374 -36.79 -5.45 -11.55
N ALA A 375 -35.70 -4.87 -11.06
CA ALA A 375 -34.86 -5.57 -10.11
C ALA A 375 -34.21 -4.67 -9.05
N ARG A 376 -33.66 -5.31 -8.03
CA ARG A 376 -33.01 -4.59 -6.94
C ARG A 376 -31.61 -5.17 -6.72
N ARG A 377 -30.76 -4.41 -6.05
CA ARG A 377 -29.39 -4.83 -5.78
C ARG A 377 -29.26 -5.97 -4.78
N GLN A 378 -28.39 -6.93 -5.07
CA GLN A 378 -28.12 -8.01 -4.13
C GLN A 378 -27.16 -7.30 -3.16
N GLN A 379 -27.43 -7.35 -1.87
CA GLN A 379 -26.56 -6.64 -0.93
C GLN A 379 -25.93 -7.50 0.17
N SER A 380 -25.92 -8.81 -0.06
CA SER A 380 -25.31 -9.76 0.87
C SER A 380 -24.95 -11.00 0.08
N PHE A 381 -23.92 -11.72 0.52
CA PHE A 381 -23.50 -12.94 -0.17
C PHE A 381 -24.46 -14.08 0.16
N HIS A 382 -25.26 -13.90 1.21
CA HIS A 382 -26.21 -14.93 1.61
C HIS A 382 -27.62 -14.36 1.59
N CYS A 383 -28.41 -14.77 0.61
CA CYS A 383 -29.76 -14.25 0.51
C CYS A 383 -30.71 -15.20 -0.17
N GLU A 384 -32.00 -14.90 -0.02
CA GLU A 384 -33.06 -15.69 -0.60
C GLU A 384 -33.99 -14.75 -1.36
N VAL A 385 -34.42 -15.18 -2.54
CA VAL A 385 -35.31 -14.41 -3.37
C VAL A 385 -36.49 -15.27 -3.80
N GLU A 386 -37.68 -14.70 -3.78
CA GLU A 386 -38.87 -15.46 -4.13
C GLU A 386 -39.98 -14.58 -4.69
N THR A 387 -40.72 -15.11 -5.65
CA THR A 387 -41.84 -14.39 -6.23
C THR A 387 -42.94 -15.37 -6.63
N LYS A 388 -44.16 -14.87 -6.77
CA LYS A 388 -45.30 -15.68 -7.16
C LYS A 388 -45.79 -15.09 -8.48
N LEU A 389 -45.83 -15.91 -9.52
CA LEU A 389 -46.21 -15.45 -10.84
C LEU A 389 -47.44 -16.08 -11.50
N GLU A 390 -48.23 -15.24 -12.16
CA GLU A 390 -49.40 -15.70 -12.90
C GLU A 390 -49.12 -15.26 -14.34
N TYR A 391 -48.93 -16.24 -15.21
CA TYR A 391 -48.61 -15.99 -16.62
C TYR A 391 -49.29 -17.05 -17.47
N GLN A 392 -49.77 -16.66 -18.64
CA GLN A 392 -50.42 -17.60 -19.55
C GLN A 392 -49.75 -17.55 -20.93
N PRO A 393 -48.55 -18.12 -21.04
CA PRO A 393 -47.81 -18.13 -22.31
C PRO A 393 -48.53 -18.95 -23.38
N GLU A 394 -48.43 -18.50 -24.63
CA GLU A 394 -49.09 -19.18 -25.74
C GLU A 394 -48.07 -19.57 -26.81
N SER A 395 -46.84 -19.10 -26.65
CA SER A 395 -45.78 -19.38 -27.60
C SER A 395 -44.43 -19.45 -26.88
N PHE A 396 -43.43 -20.03 -27.54
CA PHE A 396 -42.10 -20.11 -26.94
C PHE A 396 -41.53 -18.70 -26.87
N GLN A 397 -42.15 -17.78 -27.60
CA GLN A 397 -41.70 -16.39 -27.61
C GLN A 397 -42.21 -15.63 -26.37
N HIS A 398 -42.89 -16.35 -25.49
CA HIS A 398 -43.44 -15.78 -24.26
C HIS A 398 -42.70 -16.37 -23.06
N MET A 399 -42.09 -15.50 -22.25
CA MET A 399 -41.36 -15.92 -21.06
C MET A 399 -41.57 -14.92 -19.94
N ALA A 400 -41.66 -15.40 -18.70
CA ALA A 400 -41.82 -14.54 -17.54
C ALA A 400 -41.24 -15.27 -16.33
N GLY A 401 -40.56 -14.55 -15.45
CA GLY A 401 -39.99 -15.23 -14.29
C GLY A 401 -39.03 -14.46 -13.42
N LEU A 402 -38.26 -15.23 -12.67
CA LEU A 402 -37.28 -14.73 -11.71
C LEU A 402 -35.90 -14.59 -12.36
N VAL A 403 -35.32 -13.40 -12.27
CA VAL A 403 -34.02 -13.16 -12.87
C VAL A 403 -32.92 -12.73 -11.89
N ILE A 404 -31.72 -13.25 -12.12
CA ILE A 404 -30.52 -12.91 -11.35
C ILE A 404 -29.75 -12.30 -12.51
N TYR A 405 -29.54 -10.99 -12.46
CA TYR A 405 -28.97 -10.30 -13.60
C TYR A 405 -27.77 -9.39 -13.38
N TYR A 406 -26.76 -9.52 -14.22
CA TYR A 406 -25.61 -8.61 -14.12
C TYR A 406 -25.74 -7.70 -15.35
N ASP A 407 -25.72 -8.30 -16.54
CA ASP A 407 -25.91 -7.54 -17.78
C ASP A 407 -26.38 -8.48 -18.88
N THR A 408 -26.37 -7.99 -20.11
CA THR A 408 -26.85 -8.79 -21.24
C THR A 408 -25.97 -10.01 -21.53
N GLU A 409 -24.75 -10.02 -21.00
CA GLU A 409 -23.82 -11.12 -21.23
C GLU A 409 -23.81 -12.16 -20.12
N ASP A 410 -24.30 -11.78 -18.94
CA ASP A 410 -24.32 -12.69 -17.80
C ASP A 410 -25.56 -12.55 -16.96
N HIS A 411 -26.40 -13.59 -16.99
CA HIS A 411 -27.62 -13.63 -16.20
C HIS A 411 -28.20 -15.03 -16.11
N VAL A 412 -29.05 -15.24 -15.12
CA VAL A 412 -29.72 -16.52 -14.88
C VAL A 412 -31.21 -16.19 -14.84
N TYR A 413 -32.01 -17.00 -15.52
CA TYR A 413 -33.45 -16.73 -15.61
C TYR A 413 -34.35 -17.95 -15.44
N LEU A 414 -35.00 -18.08 -14.28
CA LEU A 414 -35.93 -19.17 -14.02
C LEU A 414 -37.28 -18.65 -14.52
N HIS A 415 -37.78 -19.21 -15.62
CA HIS A 415 -39.02 -18.69 -16.20
C HIS A 415 -40.08 -19.68 -16.67
N VAL A 416 -41.29 -19.14 -16.82
CA VAL A 416 -42.44 -19.88 -17.30
C VAL A 416 -42.59 -19.54 -18.78
N THR A 417 -42.80 -20.56 -19.61
CA THR A 417 -42.96 -20.34 -21.04
C THR A 417 -43.91 -21.39 -21.60
N TRP A 418 -43.94 -21.52 -22.92
CA TRP A 418 -44.84 -22.47 -23.57
C TRP A 418 -44.02 -23.36 -24.50
N HIS A 419 -44.37 -24.64 -24.54
CA HIS A 419 -43.68 -25.62 -25.37
C HIS A 419 -44.73 -26.32 -26.24
N GLU A 420 -44.40 -26.56 -27.50
CA GLU A 420 -45.34 -27.18 -28.43
C GLU A 420 -45.89 -28.52 -27.96
N GLU A 421 -45.12 -29.24 -27.16
CA GLU A 421 -45.55 -30.54 -26.67
C GLU A 421 -46.06 -30.48 -25.22
N LYS A 422 -45.33 -29.79 -24.37
CA LYS A 422 -45.69 -29.70 -22.96
C LYS A 422 -46.63 -28.57 -22.54
N GLY A 423 -46.95 -27.67 -23.46
CA GLY A 423 -47.82 -26.56 -23.10
C GLY A 423 -47.05 -25.69 -22.12
N LYS A 424 -47.76 -25.15 -21.12
CA LYS A 424 -47.12 -24.30 -20.11
C LYS A 424 -46.00 -25.09 -19.43
N CYS A 425 -44.83 -24.49 -19.33
CA CYS A 425 -43.70 -25.18 -18.73
C CYS A 425 -42.67 -24.25 -18.11
N LEU A 426 -41.71 -24.85 -17.41
CA LEU A 426 -40.66 -24.14 -16.69
C LEU A 426 -39.29 -24.45 -17.28
N GLN A 427 -38.47 -23.41 -17.43
CA GLN A 427 -37.12 -23.57 -17.97
C GLN A 427 -36.15 -22.60 -17.32
N ILE A 428 -34.86 -22.90 -17.43
CA ILE A 428 -33.84 -22.03 -16.87
C ILE A 428 -32.89 -21.61 -17.98
N ILE A 429 -32.81 -20.30 -18.20
CA ILE A 429 -31.88 -19.80 -19.20
C ILE A 429 -30.69 -19.23 -18.46
N GLN A 430 -29.50 -19.50 -18.98
CA GLN A 430 -28.29 -18.94 -18.40
C GLN A 430 -27.43 -18.44 -19.54
N THR A 431 -27.06 -17.18 -19.48
CA THR A 431 -26.20 -16.59 -20.48
C THR A 431 -24.91 -16.32 -19.72
N LYS A 432 -23.82 -16.89 -20.24
CA LYS A 432 -22.52 -16.77 -19.59
C LYS A 432 -21.51 -16.31 -20.64
N GLY A 433 -20.86 -15.18 -20.38
CA GLY A 433 -19.89 -14.68 -21.35
C GLY A 433 -20.55 -14.40 -22.70
N GLY A 434 -21.85 -14.10 -22.67
CA GLY A 434 -22.55 -13.82 -23.90
C GLY A 434 -23.04 -15.07 -24.62
N ASN A 435 -22.79 -16.23 -24.02
CA ASN A 435 -23.22 -17.49 -24.62
C ASN A 435 -24.53 -17.98 -24.01
N TYR A 436 -25.53 -18.11 -24.86
CA TYR A 436 -26.86 -18.57 -24.45
C TYR A 436 -26.88 -20.06 -24.15
N ASP A 437 -27.62 -20.44 -23.11
CA ASP A 437 -27.73 -21.84 -22.75
C ASP A 437 -29.02 -22.09 -21.97
N GLU A 438 -29.45 -23.34 -21.94
CA GLU A 438 -30.64 -23.76 -21.23
C GLU A 438 -30.15 -24.83 -20.25
N LEU A 439 -30.43 -24.67 -18.97
CA LEU A 439 -29.95 -25.61 -17.97
C LEU A 439 -30.77 -26.89 -17.79
N LEU A 440 -31.95 -26.95 -18.40
CA LEU A 440 -32.78 -28.15 -18.31
C LEU A 440 -32.86 -28.77 -19.71
N ALA A 441 -32.58 -30.07 -19.79
CA ALA A 441 -32.63 -30.78 -21.07
C ALA A 441 -34.00 -30.58 -21.70
N SER A 442 -35.04 -30.61 -20.87
CA SER A 442 -36.40 -30.42 -21.33
C SER A 442 -37.15 -29.61 -20.28
N PRO A 443 -38.02 -28.69 -20.71
CA PRO A 443 -38.75 -27.90 -19.72
C PRO A 443 -39.72 -28.77 -18.93
N ILE A 444 -39.99 -28.35 -17.70
CA ILE A 444 -40.89 -29.06 -16.82
C ILE A 444 -42.32 -28.56 -17.01
N PRO A 445 -43.25 -29.46 -17.37
CA PRO A 445 -44.63 -29.06 -17.58
C PRO A 445 -45.28 -28.48 -16.33
N LEU A 446 -46.08 -27.44 -16.51
CA LEU A 446 -46.77 -26.79 -15.40
C LEU A 446 -48.27 -26.83 -15.62
N ALA A 447 -49.03 -26.79 -14.54
CA ALA A 447 -50.49 -26.80 -14.61
C ALA A 447 -50.94 -25.48 -15.19
N GLU A 448 -51.75 -25.55 -16.24
CA GLU A 448 -52.25 -24.38 -16.93
C GLU A 448 -52.95 -23.35 -16.05
N GLU A 449 -53.76 -23.80 -15.11
CA GLU A 449 -54.51 -22.89 -14.26
C GLU A 449 -53.98 -22.62 -12.86
N LYS A 450 -52.67 -22.80 -12.65
CA LYS A 450 -52.10 -22.56 -11.33
C LYS A 450 -51.00 -21.50 -11.36
N ALA A 451 -50.93 -20.72 -10.28
CA ALA A 451 -49.88 -19.71 -10.17
C ALA A 451 -48.59 -20.47 -9.92
N VAL A 452 -47.46 -19.86 -10.20
CA VAL A 452 -46.18 -20.52 -10.00
C VAL A 452 -45.29 -19.75 -9.03
N TYR A 453 -44.68 -20.49 -8.11
CA TYR A 453 -43.79 -19.89 -7.12
C TYR A 453 -42.36 -20.16 -7.57
N LEU A 454 -41.55 -19.11 -7.62
CA LEU A 454 -40.16 -19.21 -8.05
C LEU A 454 -39.28 -18.74 -6.91
N LYS A 455 -38.19 -19.45 -6.65
CA LYS A 455 -37.32 -19.10 -5.55
C LYS A 455 -35.85 -19.34 -5.87
N GLY A 456 -34.98 -18.51 -5.29
CA GLY A 456 -33.55 -18.67 -5.48
C GLY A 456 -32.85 -18.43 -4.16
N ARG A 457 -31.83 -19.23 -3.88
CA ARG A 457 -31.06 -19.07 -2.65
C ARG A 457 -29.59 -19.00 -3.02
N ILE A 458 -28.95 -17.89 -2.64
CA ILE A 458 -27.55 -17.66 -2.96
C ILE A 458 -26.66 -17.69 -1.72
N HIS A 459 -25.52 -18.36 -1.84
CA HIS A 459 -24.55 -18.46 -0.75
C HIS A 459 -23.17 -18.29 -1.36
N ARG A 460 -22.69 -17.05 -1.36
CA ARG A 460 -21.38 -16.73 -1.93
C ARG A 460 -21.28 -17.13 -3.40
N GLU A 461 -20.35 -18.04 -3.70
CA GLU A 461 -20.11 -18.47 -5.08
C GLU A 461 -21.18 -19.31 -5.77
N THR A 462 -22.10 -19.91 -5.02
CA THR A 462 -23.11 -20.75 -5.65
C THR A 462 -24.57 -20.46 -5.24
N MET A 463 -25.50 -20.89 -6.09
CA MET A 463 -26.92 -20.70 -5.82
C MET A 463 -27.71 -21.88 -6.37
N HIS A 464 -28.92 -22.05 -5.87
CA HIS A 464 -29.79 -23.11 -6.35
C HIS A 464 -31.20 -22.53 -6.48
N LEU A 465 -31.93 -23.01 -7.49
CA LEU A 465 -33.28 -22.56 -7.75
C LEU A 465 -34.31 -23.59 -7.29
N TYR A 466 -35.51 -23.10 -6.98
CA TYR A 466 -36.61 -23.95 -6.52
C TYR A 466 -37.92 -23.41 -7.06
N PHE A 467 -38.94 -24.25 -7.05
CA PHE A 467 -40.27 -23.85 -7.51
C PHE A 467 -41.34 -24.79 -6.96
N LYS A 468 -42.59 -24.39 -7.13
CA LYS A 468 -43.73 -25.17 -6.72
C LYS A 468 -44.94 -24.46 -7.28
N GLN A 469 -46.05 -25.18 -7.40
CA GLN A 469 -47.28 -24.60 -7.92
C GLN A 469 -48.28 -24.47 -6.77
N GLU A 470 -49.24 -23.56 -6.93
CA GLU A 470 -50.26 -23.29 -5.92
C GLU A 470 -50.63 -24.32 -4.86
N GLY A 471 -51.38 -25.34 -5.23
CA GLY A 471 -51.80 -26.33 -4.25
C GLY A 471 -50.72 -27.22 -3.66
N GLU A 472 -49.47 -26.99 -4.03
CA GLU A 472 -48.37 -27.81 -3.53
C GLU A 472 -47.82 -27.36 -2.18
N ALA A 473 -47.57 -28.32 -1.31
CA ALA A 473 -47.08 -28.05 0.03
C ALA A 473 -45.56 -27.90 0.16
N GLU A 474 -44.81 -28.61 -0.69
CA GLU A 474 -43.35 -28.56 -0.63
C GLU A 474 -42.69 -27.92 -1.85
N TRP A 475 -41.56 -27.26 -1.60
CA TRP A 475 -40.80 -26.64 -2.67
C TRP A 475 -40.00 -27.75 -3.35
N GLN A 476 -39.78 -27.59 -4.65
CA GLN A 476 -39.02 -28.57 -5.42
C GLN A 476 -37.78 -27.91 -6.01
N PRO A 477 -36.62 -28.56 -5.89
CA PRO A 477 -35.41 -27.97 -6.44
C PRO A 477 -35.47 -28.11 -7.97
N VAL A 478 -34.87 -27.16 -8.69
CA VAL A 478 -34.89 -27.23 -10.14
C VAL A 478 -33.54 -26.77 -10.71
N GLY A 479 -33.03 -27.55 -11.66
CA GLY A 479 -31.75 -27.23 -12.26
C GLY A 479 -30.60 -27.65 -11.35
N PRO A 480 -29.35 -27.45 -11.79
CA PRO A 480 -28.18 -27.82 -10.98
C PRO A 480 -27.79 -26.67 -10.07
N THR A 481 -26.76 -26.89 -9.25
CA THR A 481 -26.29 -25.81 -8.39
C THR A 481 -25.56 -24.92 -9.40
N ILE A 482 -25.69 -23.62 -9.25
CA ILE A 482 -25.09 -22.70 -10.21
C ILE A 482 -24.02 -21.80 -9.61
N ASP A 483 -22.88 -21.75 -10.28
CA ASP A 483 -21.77 -20.90 -9.85
C ASP A 483 -22.09 -19.52 -10.42
N VAL A 484 -22.33 -18.58 -9.53
CA VAL A 484 -22.72 -17.22 -9.90
C VAL A 484 -21.58 -16.22 -10.09
N THR A 485 -20.33 -16.68 -9.96
CA THR A 485 -19.21 -15.75 -10.13
C THR A 485 -19.08 -15.18 -11.53
N HIS A 486 -19.78 -15.74 -12.51
CA HIS A 486 -19.70 -15.19 -13.86
C HIS A 486 -20.47 -13.85 -13.90
N MET A 487 -21.32 -13.64 -12.91
CA MET A 487 -22.06 -12.38 -12.80
C MET A 487 -21.27 -11.55 -11.79
N SER A 488 -20.24 -10.86 -12.27
CA SER A 488 -19.41 -10.02 -11.41
C SER A 488 -18.62 -8.99 -12.21
N ASP A 489 -17.98 -8.07 -11.51
CA ASP A 489 -17.18 -7.01 -12.15
C ASP A 489 -15.92 -7.53 -12.82
N ASP A 490 -15.45 -8.69 -12.36
CA ASP A 490 -14.17 -9.22 -12.81
C ASP A 490 -14.10 -10.39 -13.79
N SER A 491 -15.24 -10.97 -14.15
CA SER A 491 -15.24 -12.14 -15.02
C SER A 491 -15.26 -11.93 -16.54
N ALA A 492 -15.38 -10.69 -17.00
CA ALA A 492 -15.41 -10.44 -18.44
C ALA A 492 -14.05 -10.03 -18.99
N LYS A 493 -13.97 -9.87 -20.31
CA LYS A 493 -12.73 -9.50 -20.96
C LYS A 493 -12.21 -8.18 -20.42
N GLN A 494 -13.13 -7.26 -20.18
CA GLN A 494 -12.80 -5.96 -19.64
C GLN A 494 -13.57 -5.77 -18.33
N VAL A 495 -13.10 -4.85 -17.50
CA VAL A 495 -13.74 -4.55 -16.22
C VAL A 495 -15.18 -4.15 -16.47
N ARG A 496 -16.03 -4.37 -15.46
CA ARG A 496 -17.45 -4.00 -15.53
C ARG A 496 -17.67 -3.20 -14.26
N PHE A 497 -18.64 -2.29 -14.29
CA PHE A 497 -18.87 -1.39 -13.16
C PHE A 497 -20.14 -1.46 -12.33
N THR A 498 -20.95 -2.51 -12.49
CA THR A 498 -22.18 -2.56 -11.72
C THR A 498 -22.21 -3.53 -10.55
N GLY A 499 -22.94 -4.63 -10.72
CA GLY A 499 -23.08 -5.60 -9.66
C GLY A 499 -24.29 -6.47 -9.92
N THR A 500 -24.46 -7.55 -9.16
CA THR A 500 -25.59 -8.44 -9.38
C THR A 500 -26.90 -7.89 -8.83
N PHE A 501 -27.94 -7.99 -9.66
CA PHE A 501 -29.29 -7.54 -9.31
C PHE A 501 -30.18 -8.76 -9.30
N VAL A 502 -31.27 -8.69 -8.54
CA VAL A 502 -32.22 -9.79 -8.47
C VAL A 502 -33.62 -9.20 -8.68
N GLY A 503 -34.44 -9.85 -9.50
CA GLY A 503 -35.76 -9.31 -9.72
C GLY A 503 -36.71 -10.10 -10.59
N MET A 504 -37.57 -9.37 -11.28
CA MET A 504 -38.59 -9.96 -12.14
C MET A 504 -38.42 -9.47 -13.57
N ALA A 505 -38.85 -10.29 -14.53
CA ALA A 505 -38.77 -9.91 -15.93
C ALA A 505 -39.70 -10.74 -16.77
N THR A 506 -40.00 -10.23 -17.95
CA THR A 506 -40.85 -10.95 -18.88
C THR A 506 -40.61 -10.37 -20.25
N GLN A 507 -40.63 -11.23 -21.25
CA GLN A 507 -40.48 -10.75 -22.59
C GLN A 507 -41.50 -11.41 -23.47
N ASP A 508 -41.96 -10.66 -24.47
CA ASP A 508 -42.93 -11.16 -25.42
C ASP A 508 -42.27 -10.85 -26.75
N LEU A 509 -41.51 -11.82 -27.24
CA LEU A 509 -40.78 -11.68 -28.48
C LEU A 509 -41.66 -11.77 -29.71
N SER A 510 -42.97 -11.89 -29.49
CA SER A 510 -43.91 -11.94 -30.61
C SER A 510 -44.45 -10.53 -30.82
N GLY A 511 -44.27 -9.70 -29.79
CA GLY A 511 -44.71 -8.32 -29.84
C GLY A 511 -46.12 -8.02 -29.33
N THR A 512 -46.79 -9.02 -28.77
CA THR A 512 -48.16 -8.82 -28.28
C THR A 512 -48.31 -8.24 -26.88
N LYS A 513 -47.20 -7.82 -26.27
CA LYS A 513 -47.25 -7.22 -24.93
C LYS A 513 -47.99 -8.07 -23.90
N LYS A 514 -47.81 -9.39 -23.97
CA LYS A 514 -48.45 -10.31 -23.04
C LYS A 514 -48.12 -9.91 -21.59
N PRO A 515 -49.14 -9.75 -20.74
CA PRO A 515 -48.90 -9.37 -19.35
C PRO A 515 -48.50 -10.53 -18.44
N ALA A 516 -47.68 -10.21 -17.44
CA ALA A 516 -47.22 -11.18 -16.45
C ALA A 516 -47.49 -10.50 -15.11
N ASP A 517 -48.26 -11.17 -14.25
CA ASP A 517 -48.57 -10.60 -12.94
C ASP A 517 -47.79 -11.22 -11.81
N PHE A 518 -46.97 -10.41 -11.15
CA PHE A 518 -46.18 -10.87 -10.01
C PHE A 518 -46.94 -10.41 -8.76
N ASP A 519 -47.40 -11.39 -7.98
CA ASP A 519 -48.17 -11.10 -6.78
C ASP A 519 -47.35 -10.47 -5.66
N TYR A 520 -46.07 -10.85 -5.59
CA TYR A 520 -45.19 -10.29 -4.57
C TYR A 520 -43.76 -10.69 -4.87
N PHE A 521 -42.83 -10.07 -4.16
CA PHE A 521 -41.42 -10.39 -4.30
C PHE A 521 -40.78 -10.28 -2.93
N ARG A 522 -40.03 -11.30 -2.55
CA ARG A 522 -39.37 -11.29 -1.24
C ARG A 522 -37.86 -11.33 -1.41
N TYR A 523 -37.16 -10.52 -0.62
CA TYR A 523 -35.70 -10.48 -0.62
C TYR A 523 -35.28 -10.55 0.85
N LYS A 524 -34.63 -11.66 1.22
CA LYS A 524 -34.22 -11.85 2.60
C LYS A 524 -32.76 -12.24 2.68
N GLU A 525 -32.01 -11.54 3.52
CA GLU A 525 -30.60 -11.84 3.66
C GLU A 525 -30.46 -12.80 4.85
N ARG B 4 17.55 2.94 -15.73
CA ARG B 4 18.53 1.82 -15.70
C ARG B 4 18.68 1.30 -14.28
N ILE B 5 19.63 1.88 -13.54
CA ILE B 5 19.88 1.49 -12.16
C ILE B 5 18.74 1.98 -11.28
N GLN B 6 18.21 1.11 -10.45
CA GLN B 6 17.11 1.47 -9.57
C GLN B 6 17.58 1.59 -8.12
N ASN B 7 17.44 2.78 -7.55
CA ASN B 7 17.84 3.01 -6.17
C ASN B 7 16.69 2.74 -5.20
N PRO B 8 16.99 2.32 -3.97
CA PRO B 8 18.36 2.12 -3.50
C PRO B 8 18.93 0.80 -4.02
N ILE B 9 20.23 0.81 -4.30
CA ILE B 9 20.91 -0.36 -4.82
C ILE B 9 21.14 -1.40 -3.71
N LEU B 10 21.33 -0.92 -2.48
CA LEU B 10 21.49 -1.81 -1.33
C LEU B 10 20.40 -1.41 -0.34
N PRO B 11 19.18 -1.94 -0.52
CA PRO B 11 18.03 -1.66 0.33
C PRO B 11 18.21 -2.20 1.75
N GLY B 12 17.54 -1.58 2.71
CA GLY B 12 17.69 -2.01 4.08
C GLY B 12 18.96 -1.39 4.66
N PHE B 13 19.23 -1.70 5.92
CA PHE B 13 20.38 -1.19 6.67
C PHE B 13 21.75 -1.37 5.97
N HIS B 14 22.15 -0.33 5.23
CA HIS B 14 23.43 -0.29 4.49
C HIS B 14 23.90 1.16 4.39
N PRO B 15 24.34 1.75 5.50
CA PRO B 15 24.81 3.14 5.54
C PRO B 15 26.29 3.34 5.15
N ASP B 16 26.65 4.60 4.98
CA ASP B 16 28.02 5.00 4.66
C ASP B 16 28.73 4.15 3.62
N PRO B 17 28.21 4.09 2.39
CA PRO B 17 28.86 3.28 1.36
C PRO B 17 30.27 3.76 0.96
N SER B 18 31.20 2.82 0.95
CA SER B 18 32.58 3.07 0.56
C SER B 18 32.77 2.20 -0.67
N ILE B 19 32.78 2.81 -1.85
CA ILE B 19 32.90 2.07 -3.10
C ILE B 19 34.31 2.09 -3.67
N VAL B 20 34.67 1.01 -4.36
CA VAL B 20 35.99 0.88 -4.98
C VAL B 20 35.95 -0.08 -6.15
N ARG B 21 36.75 0.21 -7.17
CA ARG B 21 36.82 -0.67 -8.33
C ARG B 21 38.19 -1.32 -8.43
N VAL B 22 38.19 -2.64 -8.56
CA VAL B 22 39.42 -3.41 -8.72
C VAL B 22 39.25 -4.15 -10.05
N GLY B 23 39.83 -3.59 -11.11
CA GLY B 23 39.70 -4.20 -12.42
C GLY B 23 38.27 -4.07 -12.93
N ASP B 24 37.60 -5.20 -13.13
CA ASP B 24 36.22 -5.19 -13.60
C ASP B 24 35.25 -5.45 -12.45
N ASP B 25 35.76 -5.52 -11.24
CA ASP B 25 34.91 -5.76 -10.08
C ASP B 25 34.72 -4.51 -9.24
N TYR B 26 33.49 -4.32 -8.77
CA TYR B 26 33.15 -3.17 -7.95
C TYR B 26 32.70 -3.68 -6.58
N TYR B 27 33.11 -2.99 -5.52
CA TYR B 27 32.74 -3.39 -4.17
C TYR B 27 32.28 -2.17 -3.36
N ILE B 28 31.34 -2.40 -2.46
CA ILE B 28 30.83 -1.35 -1.58
C ILE B 28 30.79 -1.88 -0.15
N ALA B 29 31.47 -1.18 0.75
CA ALA B 29 31.48 -1.57 2.16
C ALA B 29 30.54 -0.62 2.88
N THR B 30 29.74 -1.15 3.80
CA THR B 30 28.80 -0.34 4.58
C THR B 30 29.00 -0.55 6.08
N SER B 31 28.53 0.41 6.87
CA SER B 31 28.66 0.33 8.33
C SER B 31 27.68 -0.67 8.92
N THR B 32 28.07 -1.28 10.04
CA THR B 32 27.25 -2.32 10.67
C THR B 32 26.93 -2.09 12.15
N PHE B 33 27.57 -1.09 12.75
CA PHE B 33 27.34 -0.76 14.15
C PHE B 33 27.43 -1.93 15.12
N GLU B 34 26.40 -2.18 15.93
CA GLU B 34 26.47 -3.30 16.88
C GLU B 34 26.22 -4.69 16.29
N TRP B 35 25.88 -4.77 15.02
CA TRP B 35 25.61 -6.07 14.40
C TRP B 35 26.88 -6.81 13.95
N PHE B 36 26.97 -8.07 14.35
CA PHE B 36 28.12 -8.93 14.04
C PHE B 36 27.77 -9.95 12.96
N PRO B 37 28.68 -10.24 12.02
CA PRO B 37 30.04 -9.72 11.83
C PRO B 37 30.08 -8.26 11.38
N GLY B 38 31.24 -7.62 11.53
CA GLY B 38 31.39 -6.23 11.17
C GLY B 38 31.78 -5.92 9.73
N VAL B 39 31.22 -4.82 9.22
CA VAL B 39 31.44 -4.34 7.87
C VAL B 39 30.85 -5.30 6.85
N ARG B 40 29.91 -4.79 6.06
CA ARG B 40 29.26 -5.61 5.05
C ARG B 40 29.76 -5.17 3.68
N ILE B 41 30.19 -6.13 2.86
CA ILE B 41 30.70 -5.82 1.53
C ILE B 41 29.88 -6.49 0.44
N HIS B 42 29.45 -5.69 -0.53
CA HIS B 42 28.66 -6.15 -1.66
C HIS B 42 29.47 -5.99 -2.95
N HIS B 43 29.17 -6.83 -3.93
CA HIS B 43 29.90 -6.83 -5.19
C HIS B 43 29.01 -6.67 -6.43
N SER B 44 29.55 -6.02 -7.46
CA SER B 44 28.84 -5.82 -8.71
C SER B 44 29.82 -5.71 -9.87
N ARG B 45 29.32 -6.00 -11.07
CA ARG B 45 30.15 -5.94 -12.27
C ARG B 45 29.55 -4.95 -13.27
N ASP B 46 28.33 -4.50 -12.98
CA ASP B 46 27.64 -3.54 -13.86
C ASP B 46 27.03 -2.35 -13.11
N LEU B 47 27.17 -2.34 -11.79
CA LEU B 47 26.63 -1.29 -10.93
C LEU B 47 25.11 -1.31 -10.82
N LYS B 48 24.48 -2.23 -11.53
CA LYS B 48 23.03 -2.35 -11.50
C LYS B 48 22.63 -3.51 -10.60
N HIS B 49 23.34 -4.62 -10.72
CA HIS B 49 23.06 -5.80 -9.91
C HIS B 49 24.12 -5.97 -8.84
N TRP B 50 23.68 -6.25 -7.62
CA TRP B 50 24.59 -6.42 -6.49
C TRP B 50 24.35 -7.68 -5.69
N ARG B 51 25.42 -8.19 -5.10
CA ARG B 51 25.34 -9.38 -4.27
C ARG B 51 26.27 -9.23 -3.08
N PHE B 52 25.96 -9.93 -1.99
CA PHE B 52 26.80 -9.89 -0.81
C PHE B 52 28.03 -10.73 -1.12
N VAL B 53 29.20 -10.28 -0.71
CA VAL B 53 30.40 -11.08 -0.95
C VAL B 53 31.13 -11.43 0.33
N SER B 54 31.09 -10.54 1.33
CA SER B 54 31.77 -10.84 2.58
C SER B 54 31.59 -9.81 3.69
N SER B 55 32.01 -10.21 4.89
CA SER B 55 32.00 -9.38 6.07
C SER B 55 33.33 -9.72 6.71
N PRO B 56 34.32 -8.81 6.57
CA PRO B 56 35.69 -8.93 7.08
C PRO B 56 35.94 -9.20 8.56
N LEU B 57 35.20 -8.52 9.43
CA LEU B 57 35.42 -8.66 10.87
C LEU B 57 34.58 -9.77 11.49
N THR B 58 35.19 -10.95 11.60
CA THR B 58 34.53 -12.12 12.12
C THR B 58 35.11 -12.67 13.42
N ARG B 59 36.22 -12.09 13.87
CA ARG B 59 36.86 -12.55 15.11
C ARG B 59 36.87 -11.46 16.16
N THR B 60 36.74 -11.85 17.43
CA THR B 60 36.76 -10.88 18.52
C THR B 60 38.12 -10.21 18.58
N SER B 61 39.14 -10.85 18.01
CA SER B 61 40.48 -10.27 17.99
C SER B 61 40.45 -9.05 17.05
N GLN B 62 39.49 -9.05 16.13
CA GLN B 62 39.35 -7.93 15.19
C GLN B 62 38.31 -6.95 15.70
N LEU B 63 37.23 -7.48 16.28
CA LEU B 63 36.14 -6.66 16.77
C LEU B 63 35.49 -7.24 18.02
N ASP B 64 35.62 -6.51 19.13
CA ASP B 64 35.08 -6.93 20.40
C ASP B 64 34.05 -5.90 20.84
N MET B 65 32.77 -6.19 20.57
CA MET B 65 31.70 -5.26 20.89
C MET B 65 30.79 -5.61 22.06
N LYS B 66 31.11 -6.65 22.81
CA LYS B 66 30.27 -7.01 23.95
C LYS B 66 30.17 -5.78 24.86
N GLY B 67 28.96 -5.35 25.17
CA GLY B 67 28.80 -4.19 26.03
C GLY B 67 28.69 -2.86 25.31
N ASN B 68 28.87 -2.84 23.99
CA ASN B 68 28.77 -1.60 23.21
C ASN B 68 27.33 -1.09 23.25
N MET B 69 27.15 0.22 23.49
CA MET B 69 25.80 0.78 23.52
C MET B 69 25.19 0.71 22.12
N ASN B 70 23.86 0.81 22.05
CA ASN B 70 23.19 0.76 20.77
C ASN B 70 23.75 1.86 19.86
N SER B 71 23.88 1.54 18.57
CA SER B 71 24.41 2.45 17.56
C SER B 71 25.86 2.85 17.76
N GLY B 72 26.55 2.08 18.60
CA GLY B 72 27.97 2.30 18.80
C GLY B 72 28.58 1.29 17.85
N GLY B 73 29.79 0.83 18.13
CA GLY B 73 30.41 -0.16 17.24
C GLY B 73 30.92 0.39 15.93
N ILE B 74 30.74 -0.41 14.87
CA ILE B 74 31.22 -0.05 13.52
C ILE B 74 30.50 1.09 12.82
N TRP B 75 31.15 2.25 12.80
CA TRP B 75 30.60 3.41 12.12
C TRP B 75 31.08 3.37 10.66
N ALA B 76 31.04 4.50 9.96
CA ALA B 76 31.48 4.53 8.56
C ALA B 76 32.85 3.88 8.34
N PRO B 77 32.93 2.92 7.40
CA PRO B 77 34.20 2.24 7.10
C PRO B 77 34.79 2.74 5.76
N CYS B 78 36.01 2.32 5.47
CA CYS B 78 36.65 2.70 4.21
C CYS B 78 37.35 1.49 3.61
N LEU B 79 36.93 1.09 2.41
CA LEU B 79 37.53 -0.03 1.71
C LEU B 79 38.32 0.49 0.51
N SER B 80 39.61 0.18 0.47
CA SER B 80 40.46 0.62 -0.64
C SER B 80 41.29 -0.57 -1.13
N TYR B 81 41.98 -0.36 -2.24
CA TYR B 81 42.79 -1.41 -2.84
C TYR B 81 44.05 -0.79 -3.42
N HIS B 82 45.19 -1.45 -3.23
CA HIS B 82 46.44 -0.95 -3.77
C HIS B 82 47.48 -2.04 -3.88
N ASP B 83 48.07 -2.17 -5.06
CA ASP B 83 49.09 -3.18 -5.31
C ASP B 83 48.78 -4.56 -4.76
N GLY B 84 47.68 -5.14 -5.20
CA GLY B 84 47.32 -6.49 -4.77
C GLY B 84 46.78 -6.68 -3.36
N THR B 85 46.57 -5.61 -2.62
CA THR B 85 46.06 -5.77 -1.27
C THR B 85 44.88 -4.85 -0.95
N PHE B 86 43.86 -5.43 -0.32
CA PHE B 86 42.66 -4.70 0.08
C PHE B 86 42.93 -4.09 1.45
N TYR B 87 42.56 -2.83 1.62
CA TYR B 87 42.73 -2.14 2.89
C TYR B 87 41.37 -1.76 3.47
N LEU B 88 41.09 -2.18 4.69
CA LEU B 88 39.82 -1.85 5.33
C LEU B 88 40.07 -1.05 6.60
N ILE B 89 39.59 0.19 6.61
CA ILE B 89 39.74 1.05 7.78
C ILE B 89 38.38 1.04 8.46
N TYR B 90 38.37 0.83 9.77
CA TYR B 90 37.11 0.82 10.49
C TYR B 90 37.22 1.45 11.86
N THR B 91 36.07 1.69 12.47
CA THR B 91 36.01 2.34 13.77
C THR B 91 35.13 1.59 14.75
N ASP B 92 35.62 1.40 15.97
CA ASP B 92 34.84 0.77 17.02
C ASP B 92 34.48 1.90 17.98
N VAL B 93 33.22 2.32 17.95
CA VAL B 93 32.74 3.40 18.80
C VAL B 93 32.28 2.87 20.15
N LYS B 94 32.93 3.32 21.21
CA LYS B 94 32.62 2.91 22.57
C LYS B 94 31.66 3.83 23.30
N GLN B 95 31.66 5.11 22.93
CA GLN B 95 30.77 6.09 23.56
C GLN B 95 30.50 7.20 22.57
N TRP B 96 29.23 7.51 22.32
CA TRP B 96 28.93 8.58 21.38
C TRP B 96 27.85 9.57 21.83
N HIS B 97 27.13 9.24 22.90
CA HIS B 97 26.13 10.18 23.40
C HIS B 97 26.89 11.15 24.31
N GLY B 98 26.41 12.38 24.42
CA GLY B 98 27.08 13.34 25.26
C GLY B 98 28.12 14.16 24.55
N ALA B 99 28.91 14.91 25.32
CA ALA B 99 29.93 15.79 24.77
C ALA B 99 31.13 15.11 24.10
N PHE B 100 31.43 13.87 24.50
CA PHE B 100 32.58 13.17 23.94
C PHE B 100 32.28 12.09 22.92
N LYS B 101 33.34 11.68 22.21
CA LYS B 101 33.27 10.63 21.23
C LYS B 101 34.48 9.74 21.46
N ASP B 102 34.23 8.56 22.02
CA ASP B 102 35.30 7.61 22.28
C ASP B 102 35.22 6.60 21.14
N ALA B 103 36.09 6.77 20.16
CA ALA B 103 36.11 5.93 18.98
C ALA B 103 37.54 5.59 18.58
N HIS B 104 37.78 4.31 18.31
CA HIS B 104 39.10 3.84 17.93
C HIS B 104 39.12 3.34 16.50
N ASN B 105 40.09 3.81 15.73
CA ASN B 105 40.21 3.44 14.32
C ASN B 105 41.27 2.37 14.10
N TYR B 106 40.92 1.38 13.27
CA TYR B 106 41.81 0.26 12.98
C TYR B 106 41.94 -0.02 11.48
N LEU B 107 42.95 -0.81 11.13
CA LEU B 107 43.21 -1.21 9.76
C LEU B 107 43.47 -2.71 9.68
N VAL B 108 42.79 -3.39 8.75
CA VAL B 108 43.00 -4.82 8.53
C VAL B 108 43.20 -4.94 7.02
N THR B 109 43.89 -6.00 6.59
CA THR B 109 44.17 -6.20 5.17
C THR B 109 43.86 -7.62 4.70
N ALA B 110 43.77 -7.77 3.39
CA ALA B 110 43.51 -9.06 2.75
C ALA B 110 43.95 -9.01 1.30
N GLN B 111 44.20 -10.19 0.72
CA GLN B 111 44.63 -10.27 -0.67
C GLN B 111 43.40 -10.58 -1.51
N ASN B 112 42.36 -11.08 -0.85
CA ASN B 112 41.10 -11.43 -1.52
C ASN B 112 39.98 -10.80 -0.72
N ILE B 113 39.01 -10.22 -1.41
CA ILE B 113 37.88 -9.55 -0.76
C ILE B 113 37.21 -10.44 0.29
N GLU B 114 37.17 -11.74 0.03
CA GLU B 114 36.58 -12.67 0.98
C GLU B 114 37.70 -13.41 1.69
N GLY B 115 38.86 -13.46 1.03
CA GLY B 115 40.02 -14.13 1.58
C GLY B 115 40.23 -13.78 3.04
N PRO B 116 41.07 -14.53 3.77
CA PRO B 116 41.28 -14.22 5.19
C PRO B 116 41.72 -12.77 5.44
N TRP B 117 41.13 -12.17 6.45
CA TRP B 117 41.46 -10.80 6.83
C TRP B 117 42.36 -10.84 8.06
N SER B 118 43.35 -9.94 8.09
CA SER B 118 44.31 -9.87 9.17
C SER B 118 43.72 -9.31 10.46
N ASP B 119 44.48 -9.45 11.54
CA ASP B 119 44.08 -8.87 12.82
C ASP B 119 44.40 -7.40 12.63
N PRO B 120 43.74 -6.52 13.40
CA PRO B 120 43.95 -5.08 13.28
C PRO B 120 45.25 -4.41 13.70
N ILE B 121 45.50 -3.27 13.07
CA ILE B 121 46.62 -2.41 13.36
C ILE B 121 45.90 -1.16 13.86
N TYR B 122 46.21 -0.72 15.07
CA TYR B 122 45.57 0.47 15.62
C TYR B 122 46.11 1.74 14.97
N LEU B 123 45.22 2.68 14.66
CA LEU B 123 45.63 3.93 14.03
C LEU B 123 45.59 5.14 14.97
N ASN B 124 44.39 5.64 15.27
CA ASN B 124 44.22 6.78 16.16
C ASN B 124 42.80 6.79 16.72
N SER B 125 42.44 7.83 17.47
CA SER B 125 41.11 7.95 18.07
C SER B 125 40.60 9.39 18.08
N SER B 126 41.30 10.30 17.42
CA SER B 126 40.93 11.71 17.40
C SER B 126 39.56 12.04 16.81
N GLY B 127 38.98 11.09 16.10
CA GLY B 127 37.67 11.31 15.51
C GLY B 127 37.28 10.12 14.65
N PHE B 128 36.01 10.07 14.23
CA PHE B 128 35.54 8.96 13.42
C PHE B 128 35.65 9.24 11.93
N ASP B 129 35.08 8.36 11.12
CA ASP B 129 35.11 8.48 9.66
C ASP B 129 36.53 8.51 9.09
N PRO B 130 37.35 7.52 9.46
CA PRO B 130 38.73 7.47 8.97
C PRO B 130 38.77 6.96 7.53
N SER B 131 39.72 7.46 6.75
CA SER B 131 39.84 7.05 5.36
C SER B 131 41.32 7.05 4.94
N LEU B 132 41.74 5.96 4.31
CA LEU B 132 43.12 5.79 3.86
C LEU B 132 43.27 6.15 2.38
N PHE B 133 44.19 7.04 2.08
CA PHE B 133 44.45 7.50 0.71
C PHE B 133 45.81 7.01 0.24
N HIS B 134 45.86 6.43 -0.96
CA HIS B 134 47.11 5.93 -1.54
C HIS B 134 47.53 6.89 -2.65
N ASP B 135 48.53 7.72 -2.37
CA ASP B 135 48.99 8.69 -3.37
C ASP B 135 49.83 8.00 -4.44
N ASP B 136 49.97 8.63 -5.60
CA ASP B 136 50.76 8.03 -6.69
C ASP B 136 52.27 8.07 -6.48
N ASP B 137 52.71 8.58 -5.34
CA ASP B 137 54.15 8.62 -5.04
C ASP B 137 54.52 7.51 -4.07
N GLY B 138 53.59 6.58 -3.86
CA GLY B 138 53.85 5.47 -2.96
C GLY B 138 53.52 5.74 -1.50
N ARG B 139 53.28 6.99 -1.15
CA ARG B 139 52.96 7.34 0.23
C ARG B 139 51.48 7.13 0.52
N LYS B 140 51.16 6.89 1.80
CA LYS B 140 49.78 6.65 2.20
C LYS B 140 49.39 7.63 3.30
N TRP B 141 48.16 8.13 3.22
CA TRP B 141 47.67 9.10 4.17
C TRP B 141 46.31 8.77 4.76
N LEU B 142 46.14 9.12 6.03
CA LEU B 142 44.87 8.86 6.70
C LEU B 142 44.22 10.19 7.02
N VAL B 143 42.96 10.32 6.65
CA VAL B 143 42.18 11.52 6.98
C VAL B 143 41.00 11.03 7.82
N ASN B 144 40.54 11.88 8.72
CA ASN B 144 39.38 11.58 9.56
C ASN B 144 38.90 12.91 10.12
N MET B 145 37.69 12.94 10.67
CA MET B 145 37.20 14.18 11.25
C MET B 145 37.80 14.27 12.66
N ILE B 146 37.89 15.47 13.19
CA ILE B 146 38.41 15.64 14.54
C ILE B 146 37.28 16.15 15.41
N TRP B 147 37.11 15.53 16.57
CA TRP B 147 36.03 15.90 17.47
C TRP B 147 36.48 16.82 18.60
N ASP B 148 35.83 17.96 18.72
CA ASP B 148 36.13 18.92 19.77
C ASP B 148 34.97 18.91 20.76
N TYR B 149 35.23 18.41 21.96
CA TYR B 149 34.22 18.28 23.02
C TYR B 149 34.04 19.55 23.86
N ARG B 150 34.88 20.56 23.66
CA ARG B 150 34.81 21.77 24.47
C ARG B 150 33.53 22.59 24.37
N LYS B 151 33.14 23.13 25.53
CA LYS B 151 31.93 23.91 25.73
C LYS B 151 31.42 24.82 24.62
N GLY B 152 32.16 25.87 24.27
CA GLY B 152 31.66 26.78 23.26
C GLY B 152 32.11 26.58 21.82
N ASN B 153 32.43 25.35 21.43
CA ASN B 153 32.87 25.11 20.07
C ASN B 153 32.01 24.09 19.32
N HIS B 154 31.99 24.20 18.00
CA HIS B 154 31.25 23.25 17.19
C HIS B 154 32.10 21.99 17.28
N PRO B 155 31.50 20.85 17.68
CA PRO B 155 32.23 19.59 17.80
C PRO B 155 32.92 19.08 16.54
N PHE B 156 32.34 19.35 15.37
CA PHE B 156 32.93 18.91 14.12
C PHE B 156 33.97 19.97 13.73
N ALA B 157 35.15 19.83 14.30
CA ALA B 157 36.25 20.78 14.11
C ALA B 157 37.03 20.67 12.80
N GLY B 158 36.56 19.88 11.85
CA GLY B 158 37.24 19.78 10.59
C GLY B 158 37.81 18.43 10.19
N ILE B 159 38.60 18.43 9.12
CA ILE B 159 39.23 17.24 8.60
C ILE B 159 40.72 17.28 8.88
N ILE B 160 41.21 16.20 9.46
CA ILE B 160 42.61 16.10 9.83
C ILE B 160 43.36 15.16 8.89
N LEU B 161 44.67 15.38 8.77
CA LEU B 161 45.52 14.59 7.89
C LEU B 161 46.83 14.18 8.55
N GLN B 162 47.19 12.91 8.41
CA GLN B 162 48.45 12.40 8.95
C GLN B 162 48.91 11.22 8.11
N GLU B 163 50.19 11.16 7.83
CA GLU B 163 50.74 10.09 7.01
C GLU B 163 50.78 8.75 7.73
N TYR B 164 50.53 7.69 6.97
CA TYR B 164 50.55 6.34 7.50
C TYR B 164 51.77 5.60 6.95
N SER B 165 52.53 4.97 7.84
CA SER B 165 53.70 4.22 7.45
C SER B 165 53.40 2.73 7.47
N GLU B 166 53.30 2.12 6.31
CA GLU B 166 53.00 0.70 6.23
C GLU B 166 54.17 -0.10 6.78
N ALA B 167 55.37 0.46 6.63
CA ALA B 167 56.58 -0.17 7.12
C ALA B 167 56.53 -0.31 8.63
N GLU B 168 56.23 0.79 9.31
CA GLU B 168 56.16 0.80 10.76
C GLU B 168 54.77 0.48 11.30
N GLN B 169 53.82 0.31 10.38
CA GLN B 169 52.44 0.00 10.74
C GLN B 169 51.89 0.93 11.82
N LYS B 170 51.99 2.23 11.57
CA LYS B 170 51.50 3.25 12.49
C LYS B 170 51.51 4.60 11.78
N LEU B 171 50.76 5.55 12.33
CA LEU B 171 50.72 6.89 11.76
C LEU B 171 52.04 7.56 12.16
N VAL B 172 52.56 8.39 11.28
CA VAL B 172 53.83 9.06 11.55
C VAL B 172 53.79 10.51 11.08
N GLY B 173 54.69 11.32 11.61
CA GLY B 173 54.77 12.72 11.21
C GLY B 173 53.73 13.63 11.81
N PRO B 174 53.73 14.91 11.41
CA PRO B 174 52.80 15.93 11.89
C PRO B 174 51.35 15.69 11.44
N VAL B 175 50.42 16.23 12.21
CA VAL B 175 49.01 16.13 11.89
C VAL B 175 48.58 17.55 11.51
N LYS B 176 47.78 17.67 10.46
CA LYS B 176 47.33 18.98 10.03
C LYS B 176 45.83 18.99 9.75
N ASN B 177 45.18 20.09 10.13
CA ASN B 177 43.77 20.25 9.86
C ASN B 177 43.75 20.88 8.47
N ILE B 178 43.29 20.14 7.47
CA ILE B 178 43.30 20.62 6.11
C ILE B 178 42.02 21.25 5.57
N TYR B 179 40.89 21.04 6.24
CA TYR B 179 39.62 21.58 5.75
C TYR B 179 38.61 21.69 6.89
N LYS B 180 37.91 22.83 6.94
CA LYS B 180 36.92 23.06 8.00
C LYS B 180 35.47 22.89 7.54
N GLY B 181 35.26 22.63 6.26
CA GLY B 181 33.91 22.44 5.76
C GLY B 181 33.18 23.73 5.43
N THR B 182 31.88 23.63 5.17
CA THR B 182 31.08 24.79 4.81
C THR B 182 30.08 25.16 5.90
N ASP B 183 29.21 26.12 5.59
CA ASP B 183 28.19 26.56 6.53
C ASP B 183 27.13 25.50 6.78
N ILE B 184 27.19 24.39 6.05
CA ILE B 184 26.25 23.30 6.27
C ILE B 184 26.67 22.62 7.57
N GLN B 185 27.96 22.73 7.87
CA GLN B 185 28.58 22.17 9.08
C GLN B 185 28.47 20.66 9.29
N LEU B 186 28.83 20.21 10.50
CA LEU B 186 28.84 18.79 10.83
C LEU B 186 29.65 18.05 9.76
N THR B 187 30.78 18.65 9.40
CA THR B 187 31.67 18.10 8.37
C THR B 187 32.32 16.78 8.81
N GLU B 188 32.15 15.74 8.02
CA GLU B 188 32.72 14.44 8.32
C GLU B 188 32.91 13.62 7.04
N GLY B 189 33.03 12.30 7.17
CA GLY B 189 33.21 11.43 6.01
C GLY B 189 34.20 11.88 4.94
N PRO B 190 35.42 12.29 5.32
CA PRO B 190 36.43 12.74 4.35
C PRO B 190 36.99 11.63 3.46
N HIS B 191 37.11 11.93 2.17
CA HIS B 191 37.67 11.00 1.19
C HIS B 191 38.53 11.78 0.22
N LEU B 192 39.74 11.29 -0.02
CA LEU B 192 40.67 11.94 -0.93
C LEU B 192 40.72 11.23 -2.28
N TYR B 193 40.77 12.03 -3.34
CA TYR B 193 40.86 11.52 -4.72
C TYR B 193 41.82 12.44 -5.46
N LYS B 194 42.60 11.87 -6.36
CA LYS B 194 43.54 12.69 -7.13
C LYS B 194 43.11 12.65 -8.59
N LYS B 195 42.83 13.81 -9.17
CA LYS B 195 42.42 13.88 -10.56
C LYS B 195 42.82 15.17 -11.26
N ASP B 196 43.41 15.01 -12.44
CA ASP B 196 43.84 16.13 -13.25
C ASP B 196 44.64 17.19 -12.49
N GLY B 197 45.65 16.75 -11.74
CA GLY B 197 46.48 17.69 -11.01
C GLY B 197 45.94 18.20 -9.68
N TYR B 198 44.70 17.86 -9.38
CA TYR B 198 44.08 18.30 -8.13
C TYR B 198 43.88 17.17 -7.12
N TYR B 199 43.87 17.55 -5.85
CA TYR B 199 43.60 16.65 -4.75
C TYR B 199 42.16 17.03 -4.45
N TYR B 200 41.23 16.11 -4.67
CA TYR B 200 39.82 16.38 -4.40
C TYR B 200 39.44 15.80 -3.04
N LEU B 201 38.79 16.61 -2.23
CA LEU B 201 38.35 16.17 -0.91
C LEU B 201 36.84 16.16 -0.84
N LEU B 202 36.27 14.96 -0.80
CA LEU B 202 34.82 14.78 -0.71
C LEU B 202 34.51 14.65 0.77
N VAL B 203 33.47 15.33 1.22
CA VAL B 203 33.12 15.27 2.62
C VAL B 203 31.59 15.19 2.79
N ALA B 204 31.16 14.73 3.96
CA ALA B 204 29.74 14.65 4.28
C ALA B 204 29.45 15.83 5.20
N GLU B 205 28.27 16.41 5.09
CA GLU B 205 27.90 17.55 5.94
C GLU B 205 26.42 17.56 6.32
N GLY B 206 26.08 18.40 7.30
CA GLY B 206 24.70 18.56 7.72
C GLY B 206 24.11 17.51 8.65
N GLY B 207 24.86 16.46 8.95
CA GLY B 207 24.33 15.41 9.83
C GLY B 207 23.65 14.36 8.96
N THR B 208 23.71 13.10 9.39
CA THR B 208 23.12 12.02 8.60
C THR B 208 21.61 11.93 8.62
N GLU B 209 20.94 13.04 8.95
CA GLU B 209 19.48 13.04 8.95
C GLU B 209 18.97 13.80 7.73
N TYR B 210 17.84 14.52 7.86
CA TYR B 210 17.24 15.21 6.72
C TYR B 210 17.99 16.39 6.09
N GLU B 211 19.04 16.87 6.75
CA GLU B 211 19.83 17.97 6.22
C GLU B 211 21.17 17.46 5.69
N HIS B 212 21.28 16.15 5.56
CA HIS B 212 22.50 15.51 5.07
C HIS B 212 22.90 16.03 3.69
N ALA B 213 24.20 15.99 3.40
CA ALA B 213 24.71 16.44 2.12
C ALA B 213 26.12 15.93 1.86
N ALA B 214 26.56 16.06 0.62
CA ALA B 214 27.90 15.68 0.21
C ALA B 214 28.45 16.92 -0.50
N THR B 215 29.62 17.39 -0.06
CA THR B 215 30.23 18.56 -0.69
C THR B 215 31.64 18.24 -1.14
N LEU B 216 32.03 18.79 -2.29
CA LEU B 216 33.35 18.55 -2.85
C LEU B 216 34.22 19.80 -2.74
N ALA B 217 35.51 19.59 -2.49
CA ALA B 217 36.49 20.66 -2.38
C ALA B 217 37.75 20.17 -3.09
N ARG B 218 38.69 21.07 -3.38
CA ARG B 218 39.92 20.66 -4.07
C ARG B 218 41.10 21.57 -3.72
N SER B 219 42.29 21.06 -3.98
CA SER B 219 43.52 21.82 -3.72
C SER B 219 44.65 21.23 -4.55
N GLN B 220 45.66 22.05 -4.82
CA GLN B 220 46.81 21.60 -5.58
C GLN B 220 47.77 20.81 -4.68
N SER B 221 47.57 20.93 -3.37
CA SER B 221 48.42 20.21 -2.43
C SER B 221 47.53 19.39 -1.49
N ILE B 222 48.01 18.22 -1.09
CA ILE B 222 47.25 17.34 -0.23
C ILE B 222 46.88 17.95 1.11
N ASP B 223 47.72 18.84 1.62
CA ASP B 223 47.44 19.46 2.91
C ASP B 223 46.71 20.80 2.80
N GLY B 224 46.20 21.11 1.61
CA GLY B 224 45.45 22.35 1.44
C GLY B 224 46.27 23.60 1.15
N PRO B 225 45.65 24.78 1.20
CA PRO B 225 44.24 25.01 1.52
C PRO B 225 43.27 24.50 0.45
N TYR B 226 42.11 24.01 0.90
CA TYR B 226 41.10 23.50 -0.01
C TYR B 226 40.01 24.51 -0.32
N GLU B 227 39.70 24.62 -1.60
CA GLU B 227 38.66 25.51 -2.09
C GLU B 227 37.42 24.65 -2.27
N THR B 228 36.27 25.15 -1.81
CA THR B 228 35.04 24.40 -1.94
C THR B 228 34.29 24.73 -3.23
N ASP B 229 33.62 23.72 -3.79
CA ASP B 229 32.85 23.89 -5.01
C ASP B 229 31.87 25.04 -4.78
N PRO B 230 31.97 26.11 -5.57
CA PRO B 230 31.05 27.25 -5.40
C PRO B 230 29.58 26.83 -5.45
N SER B 231 29.30 25.75 -6.18
CA SER B 231 27.94 25.27 -6.32
C SER B 231 27.56 24.19 -5.31
N TYR B 232 28.32 24.10 -4.21
CA TYR B 232 28.03 23.08 -3.19
C TYR B 232 26.60 23.20 -2.67
N PRO B 233 26.02 22.07 -2.20
CA PRO B 233 26.62 20.74 -2.13
C PRO B 233 26.46 19.95 -3.43
N LEU B 234 27.22 18.87 -3.56
CA LEU B 234 27.16 18.00 -4.73
C LEU B 234 25.83 17.24 -4.74
N VAL B 235 25.40 16.79 -3.56
CA VAL B 235 24.12 16.08 -3.45
C VAL B 235 23.50 16.36 -2.09
N THR B 236 22.17 16.39 -2.04
CA THR B 236 21.43 16.63 -0.80
C THR B 236 19.94 16.52 -1.08
N SER B 237 19.15 16.30 -0.03
CA SER B 237 17.70 16.17 -0.16
C SER B 237 17.01 17.21 0.75
N THR B 238 17.82 17.93 1.52
CA THR B 238 17.37 18.90 2.50
C THR B 238 15.91 19.38 2.51
N GLY B 239 15.62 20.48 1.83
CA GLY B 239 14.25 21.00 1.84
C GLY B 239 13.36 20.49 0.73
N GLN B 240 13.43 19.20 0.44
CA GLN B 240 12.63 18.61 -0.63
C GLN B 240 11.93 17.32 -0.22
N PRO B 241 10.81 17.44 0.50
CA PRO B 241 10.05 16.27 0.95
C PRO B 241 9.56 15.38 -0.18
N GLU B 242 9.42 15.95 -1.38
CA GLU B 242 8.94 15.19 -2.53
C GLU B 242 9.91 14.12 -3.01
N LEU B 243 11.19 14.29 -2.70
CA LEU B 243 12.18 13.30 -3.13
C LEU B 243 11.97 11.92 -2.52
N ALA B 244 12.02 10.91 -3.38
CA ALA B 244 11.86 9.53 -2.91
C ALA B 244 13.04 9.20 -2.00
N LEU B 245 14.21 9.72 -2.33
CA LEU B 245 15.41 9.46 -1.55
C LEU B 245 15.78 10.68 -0.70
N GLN B 246 15.62 10.54 0.61
CA GLN B 246 15.94 11.61 1.56
C GLN B 246 17.31 11.36 2.17
N LYS B 247 17.80 12.33 2.94
CA LYS B 247 19.07 12.21 3.63
C LYS B 247 20.29 11.91 2.74
N ALA B 248 20.26 12.32 1.48
CA ALA B 248 21.37 12.05 0.58
C ALA B 248 22.67 12.68 1.09
N GLY B 249 23.68 11.84 1.32
CA GLY B 249 24.96 12.31 1.81
C GLY B 249 25.92 11.17 2.09
N HIS B 250 27.11 11.53 2.60
CA HIS B 250 28.16 10.57 2.93
C HIS B 250 28.41 9.61 1.78
N GLY B 251 28.92 10.13 0.68
CA GLY B 251 29.19 9.27 -0.45
C GLY B 251 30.67 9.04 -0.69
N SER B 252 30.96 8.25 -1.72
CA SER B 252 32.33 7.96 -2.12
C SER B 252 32.26 7.86 -3.64
N LEU B 253 33.36 8.20 -4.31
CA LEU B 253 33.40 8.21 -5.76
C LEU B 253 34.16 7.08 -6.41
N VAL B 254 33.72 6.68 -7.59
CA VAL B 254 34.39 5.62 -8.35
C VAL B 254 34.33 5.97 -9.84
N GLU B 255 35.39 5.60 -10.55
CA GLU B 255 35.47 5.86 -11.99
C GLU B 255 35.47 4.49 -12.67
N THR B 256 34.63 4.32 -13.68
CA THR B 256 34.56 3.05 -14.39
C THR B 256 35.68 2.93 -15.39
N GLN B 257 35.73 1.76 -16.05
CA GLN B 257 36.75 1.49 -17.04
C GLN B 257 36.62 2.45 -18.24
N ASN B 258 35.42 3.00 -18.42
CA ASN B 258 35.17 3.91 -19.53
C ASN B 258 35.41 5.38 -19.19
N GLY B 259 35.69 5.66 -17.93
CA GLY B 259 35.91 7.03 -17.53
C GLY B 259 34.62 7.66 -17.02
N GLU B 260 33.63 6.83 -16.75
CA GLU B 260 32.36 7.32 -16.21
C GLU B 260 32.52 7.43 -14.70
N TRP B 261 31.85 8.40 -14.09
CA TRP B 261 31.94 8.58 -12.65
C TRP B 261 30.60 8.39 -11.94
N TYR B 262 30.66 7.73 -10.80
CA TYR B 262 29.46 7.46 -10.01
C TYR B 262 29.69 7.79 -8.53
N LEU B 263 28.64 8.24 -7.88
CA LEU B 263 28.68 8.59 -6.47
C LEU B 263 27.75 7.68 -5.67
N ALA B 264 28.34 6.82 -4.86
CA ALA B 264 27.55 5.94 -4.00
C ALA B 264 27.32 6.78 -2.76
N HIS B 265 26.09 6.79 -2.24
CA HIS B 265 25.78 7.58 -1.06
C HIS B 265 24.64 6.96 -0.28
N LEU B 266 24.47 7.34 0.97
CA LEU B 266 23.38 6.79 1.77
C LEU B 266 22.14 7.64 1.58
N CYS B 267 21.00 7.10 1.98
CA CYS B 267 19.74 7.81 1.86
C CYS B 267 18.73 7.14 2.79
N GLY B 268 17.55 7.75 2.90
CA GLY B 268 16.50 7.20 3.72
C GLY B 268 15.17 7.33 3.01
N ARG B 269 14.26 6.39 3.28
CA ARG B 269 12.93 6.38 2.68
C ARG B 269 11.97 6.33 3.86
N PRO B 270 11.58 7.51 4.38
CA PRO B 270 10.68 7.66 5.52
C PRO B 270 9.22 7.29 5.31
N LEU B 271 8.63 6.73 6.37
CA LEU B 271 7.22 6.36 6.37
C LEU B 271 6.56 7.39 7.28
N LYS B 272 5.30 7.68 7.02
CA LYS B 272 4.56 8.64 7.83
C LYS B 272 5.32 9.94 7.98
N GLY B 273 5.98 10.36 6.91
CA GLY B 273 6.72 11.60 6.94
C GLY B 273 8.17 11.58 7.37
N LYS B 274 8.53 10.82 8.39
CA LYS B 274 9.93 10.83 8.83
C LYS B 274 10.50 9.57 9.48
N TYR B 275 9.78 8.45 9.41
CA TYR B 275 10.26 7.22 10.05
C TYR B 275 10.85 6.20 9.10
N CYS B 276 12.17 6.09 9.15
CA CYS B 276 12.89 5.15 8.29
C CYS B 276 13.07 3.81 8.98
N THR B 277 12.07 2.95 8.82
CA THR B 277 12.10 1.62 9.41
C THR B 277 13.21 0.77 8.79
N LEU B 278 13.58 1.06 7.55
CA LEU B 278 14.62 0.31 6.87
C LEU B 278 16.02 0.91 7.11
N GLY B 279 16.08 1.94 7.96
CA GLY B 279 17.35 2.58 8.26
C GLY B 279 17.90 3.34 7.07
N ARG B 280 19.21 3.51 7.00
CA ARG B 280 19.84 4.22 5.88
C ARG B 280 20.29 3.18 4.87
N GLU B 281 19.94 3.42 3.61
CA GLU B 281 20.25 2.52 2.51
C GLU B 281 21.25 3.12 1.54
N THR B 282 21.82 2.29 0.68
CA THR B 282 22.79 2.75 -0.29
C THR B 282 22.19 2.98 -1.66
N ALA B 283 22.47 4.15 -2.22
CA ALA B 283 22.01 4.52 -3.55
C ALA B 283 23.24 4.95 -4.34
N ILE B 284 23.10 5.11 -5.64
CA ILE B 284 24.22 5.53 -6.46
C ILE B 284 23.73 6.50 -7.52
N GLN B 285 24.55 7.50 -7.82
CA GLN B 285 24.21 8.51 -8.81
C GLN B 285 25.31 8.58 -9.85
N LYS B 286 24.95 8.98 -11.06
CA LYS B 286 25.95 9.15 -12.11
C LYS B 286 26.32 10.62 -12.00
N VAL B 287 27.62 10.90 -11.99
CA VAL B 287 28.05 12.28 -11.87
C VAL B 287 29.00 12.62 -13.01
N ASN B 288 28.89 13.84 -13.54
CA ASN B 288 29.74 14.27 -14.65
C ASN B 288 30.65 15.41 -14.21
N TRP B 289 31.86 15.44 -14.76
CA TRP B 289 32.80 16.50 -14.44
C TRP B 289 32.42 17.72 -15.29
N THR B 290 32.48 18.90 -14.68
CA THR B 290 32.14 20.13 -15.37
C THR B 290 33.34 20.75 -16.07
N GLU B 291 33.08 21.71 -16.95
CA GLU B 291 34.13 22.39 -17.69
C GLU B 291 35.12 23.04 -16.73
N ASP B 292 34.65 23.43 -15.55
CA ASP B 292 35.54 24.09 -14.59
C ASP B 292 36.07 23.18 -13.47
N GLY B 293 36.07 21.88 -13.70
CA GLY B 293 36.61 20.94 -12.74
C GLY B 293 35.85 20.55 -11.47
N TRP B 294 34.53 20.47 -11.56
CA TRP B 294 33.73 20.06 -10.41
C TRP B 294 32.82 18.92 -10.85
N LEU B 295 32.09 18.36 -9.91
CA LEU B 295 31.17 17.26 -10.24
C LEU B 295 29.73 17.71 -10.08
N ARG B 296 28.85 17.06 -10.83
CA ARG B 296 27.43 17.38 -10.77
C ARG B 296 26.60 16.16 -11.13
N ILE B 297 25.44 16.02 -10.50
CA ILE B 297 24.56 14.91 -10.79
C ILE B 297 24.27 14.96 -12.29
N GLU B 298 24.05 13.80 -12.89
CA GLU B 298 23.80 13.70 -14.33
C GLU B 298 22.71 14.58 -14.96
N ASP B 299 21.69 14.96 -14.19
CA ASP B 299 20.64 15.80 -14.75
C ASP B 299 20.89 17.28 -14.53
N GLY B 300 22.09 17.62 -14.07
CA GLY B 300 22.44 19.00 -13.82
C GLY B 300 21.97 19.51 -12.47
N GLY B 301 21.22 18.67 -11.77
CA GLY B 301 20.71 19.05 -10.46
C GLY B 301 21.63 18.80 -9.28
N ASN B 302 21.05 18.93 -8.08
CA ASN B 302 21.76 18.78 -6.82
C ASN B 302 21.10 17.69 -5.95
N HIS B 303 20.11 17.02 -6.51
CA HIS B 303 19.37 15.99 -5.77
C HIS B 303 19.62 14.57 -6.25
N PRO B 304 19.33 13.58 -5.38
CA PRO B 304 19.52 12.19 -5.76
C PRO B 304 18.37 11.74 -6.66
N LEU B 305 18.68 10.93 -7.67
CA LEU B 305 17.65 10.42 -8.56
C LEU B 305 17.35 8.98 -8.15
N ARG B 306 16.09 8.57 -8.27
CA ARG B 306 15.71 7.21 -7.90
C ARG B 306 16.13 6.23 -8.99
N GLU B 307 16.08 6.68 -10.23
CA GLU B 307 16.48 5.86 -11.37
C GLU B 307 17.67 6.58 -12.00
N VAL B 308 18.75 5.85 -12.19
CA VAL B 308 20.00 6.39 -12.72
C VAL B 308 20.51 5.66 -13.97
N THR B 309 21.10 6.42 -14.89
CA THR B 309 21.63 5.83 -16.11
C THR B 309 22.79 4.90 -15.76
N ALA B 310 22.72 3.68 -16.24
CA ALA B 310 23.74 2.67 -15.96
C ALA B 310 24.98 2.86 -16.81
N PRO B 311 26.13 2.36 -16.32
CA PRO B 311 27.38 2.49 -17.07
C PRO B 311 27.37 1.57 -18.29
N ASP B 312 28.19 1.89 -19.28
CA ASP B 312 28.26 1.09 -20.50
C ASP B 312 29.09 -0.17 -20.25
N LEU B 313 28.50 -1.13 -19.55
CA LEU B 313 29.17 -2.39 -19.23
C LEU B 313 28.19 -3.54 -19.48
N PRO B 314 28.70 -4.74 -19.77
CA PRO B 314 27.80 -5.86 -20.00
C PRO B 314 26.98 -6.17 -18.75
N GLU B 315 25.69 -6.42 -18.92
CA GLU B 315 24.84 -6.72 -17.78
C GLU B 315 25.31 -7.99 -17.11
N HIS B 316 25.35 -7.99 -15.78
CA HIS B 316 25.82 -9.15 -15.05
C HIS B 316 24.95 -9.43 -13.82
N PRO B 317 23.74 -9.96 -14.02
CA PRO B 317 22.86 -10.26 -12.89
C PRO B 317 23.37 -11.45 -12.08
N PHE B 318 22.87 -11.60 -10.86
CA PHE B 318 23.28 -12.69 -9.98
C PHE B 318 22.08 -13.57 -9.64
N GLU B 319 22.36 -14.80 -9.21
CA GLU B 319 21.31 -15.73 -8.83
C GLU B 319 20.59 -15.18 -7.60
N LYS B 320 19.26 -15.21 -7.61
CA LYS B 320 18.50 -14.71 -6.47
C LYS B 320 18.67 -15.58 -5.25
N GLU B 321 18.75 -14.94 -4.09
CA GLU B 321 18.93 -15.64 -2.83
C GLU B 321 17.66 -16.41 -2.49
N PRO B 322 17.80 -17.60 -1.89
CA PRO B 322 16.63 -18.41 -1.54
C PRO B 322 15.72 -17.71 -0.52
N GLU B 323 14.44 -18.01 -0.60
CA GLU B 323 13.43 -17.44 0.27
C GLU B 323 13.42 -18.16 1.62
N LEU B 324 13.80 -19.44 1.60
CA LEU B 324 13.79 -20.26 2.80
C LEU B 324 15.17 -20.77 3.23
N ASP B 325 15.41 -20.79 4.54
CA ASP B 325 16.65 -21.32 5.09
C ASP B 325 16.20 -22.52 5.91
N ASP B 326 16.56 -23.72 5.46
CA ASP B 326 16.16 -24.94 6.15
C ASP B 326 17.20 -25.36 7.18
N PHE B 327 18.26 -24.57 7.32
CA PHE B 327 19.34 -24.83 8.27
C PHE B 327 20.00 -26.20 8.13
N ASP B 328 20.23 -26.61 6.88
CA ASP B 328 20.87 -27.89 6.62
C ASP B 328 22.39 -27.77 6.52
N ALA B 329 22.86 -26.57 6.20
CA ALA B 329 24.29 -26.33 6.09
C ALA B 329 24.92 -26.15 7.48
N PRO B 330 26.16 -26.61 7.66
CA PRO B 330 26.87 -26.50 8.96
C PRO B 330 27.21 -25.06 9.35
N GLN B 331 27.24 -24.15 8.37
CA GLN B 331 27.53 -22.74 8.64
C GLN B 331 26.29 -21.88 8.40
N LEU B 332 26.11 -20.86 9.23
CA LEU B 332 24.97 -19.95 9.09
C LEU B 332 25.04 -19.22 7.76
N HIS B 333 23.89 -19.07 7.11
CA HIS B 333 23.81 -18.34 5.84
C HIS B 333 24.35 -16.94 6.11
N HIS B 334 24.97 -16.33 5.11
CA HIS B 334 25.58 -15.02 5.25
C HIS B 334 24.64 -13.87 5.61
N GLN B 335 23.34 -14.04 5.40
CA GLN B 335 22.39 -12.97 5.72
C GLN B 335 22.15 -12.85 7.23
N TRP B 336 22.50 -13.89 7.98
CA TRP B 336 22.30 -13.88 9.43
C TRP B 336 23.38 -13.10 10.17
N ASN B 337 22.95 -12.35 11.20
CA ASN B 337 23.85 -11.57 12.03
C ASN B 337 23.47 -11.82 13.49
N THR B 338 24.40 -11.55 14.39
CA THR B 338 24.14 -11.69 15.81
C THR B 338 24.42 -10.31 16.41
N LEU B 339 24.02 -10.12 17.66
CA LEU B 339 24.24 -8.85 18.31
C LEU B 339 25.55 -8.79 19.08
N ARG B 340 26.45 -7.91 18.63
CA ARG B 340 27.73 -7.64 19.26
C ARG B 340 28.77 -8.77 19.29
N ILE B 341 28.36 -9.96 19.68
CA ILE B 341 29.29 -11.07 19.79
C ILE B 341 29.11 -12.11 18.69
N PRO B 342 30.16 -12.87 18.39
CA PRO B 342 30.07 -13.90 17.37
C PRO B 342 29.23 -15.08 17.87
N ALA B 343 28.54 -15.75 16.96
CA ALA B 343 27.75 -16.90 17.36
C ALA B 343 28.76 -17.93 17.87
N ASP B 344 28.41 -18.64 18.92
CA ASP B 344 29.29 -19.65 19.50
C ASP B 344 28.49 -20.93 19.69
N PRO B 345 29.12 -22.09 19.43
CA PRO B 345 28.46 -23.40 19.58
C PRO B 345 27.72 -23.58 20.91
N SER B 346 28.21 -22.92 21.96
CA SER B 346 27.60 -23.04 23.27
C SER B 346 26.15 -22.53 23.32
N TRP B 347 25.79 -21.63 22.42
CA TRP B 347 24.42 -21.10 22.42
C TRP B 347 23.78 -21.02 21.04
N CYS B 348 24.56 -21.27 20.00
CA CYS B 348 24.06 -21.24 18.63
C CYS B 348 24.71 -22.39 17.87
N SER B 349 23.94 -23.44 17.61
CA SER B 349 24.48 -24.61 16.93
C SER B 349 23.63 -25.19 15.80
N LEU B 350 24.32 -25.56 14.72
CA LEU B 350 23.69 -26.16 13.55
C LEU B 350 24.10 -27.63 13.46
N GLU B 351 24.99 -28.06 14.34
CA GLU B 351 25.45 -29.45 14.33
C GLU B 351 24.92 -30.32 15.46
N GLU B 352 24.38 -29.71 16.50
CA GLU B 352 23.85 -30.47 17.63
C GLU B 352 22.61 -31.25 17.17
N ARG B 353 21.84 -30.63 16.29
CA ARG B 353 20.64 -31.25 15.73
C ARG B 353 20.57 -30.81 14.28
N PRO B 354 21.24 -31.55 13.38
CA PRO B 354 21.27 -31.23 11.95
C PRO B 354 19.89 -30.89 11.39
N GLY B 355 19.87 -29.93 10.46
CA GLY B 355 18.62 -29.51 9.86
C GLY B 355 17.84 -28.53 10.72
N HIS B 356 18.43 -28.17 11.87
CA HIS B 356 17.78 -27.24 12.78
C HIS B 356 18.78 -26.27 13.40
N LEU B 357 18.34 -25.03 13.63
CA LEU B 357 19.20 -24.05 14.27
C LEU B 357 18.85 -24.13 15.75
N ARG B 358 19.75 -24.65 16.56
CA ARG B 358 19.51 -24.74 17.99
C ARG B 358 20.14 -23.56 18.73
N LEU B 359 19.29 -22.77 19.39
CA LEU B 359 19.76 -21.63 20.16
C LEU B 359 19.47 -21.90 21.63
N ARG B 360 20.44 -21.64 22.49
CA ARG B 360 20.26 -21.85 23.93
C ARG B 360 20.06 -20.49 24.58
N GLY B 361 18.97 -20.38 25.33
CA GLY B 361 18.63 -19.12 25.97
C GLY B 361 19.66 -18.44 26.85
N MET B 362 19.84 -17.15 26.63
CA MET B 362 20.75 -16.35 27.44
C MET B 362 19.99 -15.11 27.96
N GLU B 363 20.58 -13.93 27.82
CA GLU B 363 19.98 -12.70 28.33
C GLU B 363 18.75 -12.12 27.62
N SER B 364 18.07 -11.19 28.29
CA SER B 364 16.87 -10.55 27.76
C SER B 364 17.12 -9.72 26.50
N LEU B 365 16.03 -9.30 25.86
CA LEU B 365 16.10 -8.49 24.66
C LEU B 365 16.57 -7.06 24.98
N THR B 366 16.75 -6.77 26.26
CA THR B 366 17.18 -5.43 26.67
C THR B 366 18.66 -5.39 27.03
N SER B 367 19.34 -6.52 26.87
CA SER B 367 20.76 -6.60 27.21
C SER B 367 21.69 -6.25 26.06
N VAL B 368 22.74 -5.52 26.41
CA VAL B 368 23.74 -5.09 25.45
C VAL B 368 24.99 -5.99 25.57
N HIS B 369 24.82 -7.14 26.21
CA HIS B 369 25.95 -8.05 26.37
C HIS B 369 25.80 -9.35 25.57
N SER B 370 25.12 -10.34 26.13
CA SER B 370 24.97 -11.63 25.45
C SER B 370 23.55 -12.11 25.23
N GLN B 371 23.02 -11.84 24.04
CA GLN B 371 21.66 -12.26 23.67
C GLN B 371 21.72 -13.39 22.65
N SER B 372 20.90 -14.42 22.85
CA SER B 372 20.85 -15.52 21.89
C SER B 372 19.82 -15.09 20.84
N LEU B 373 20.27 -14.23 19.93
CA LEU B 373 19.42 -13.70 18.87
C LEU B 373 20.15 -13.76 17.53
N VAL B 374 19.46 -14.27 16.52
CA VAL B 374 20.01 -14.38 15.17
C VAL B 374 19.00 -13.78 14.22
N ALA B 375 19.39 -12.72 13.53
CA ALA B 375 18.47 -12.03 12.62
C ALA B 375 19.11 -11.49 11.35
N ARG B 376 18.26 -11.09 10.41
CA ARG B 376 18.71 -10.55 9.14
C ARG B 376 17.99 -9.23 8.88
N ARG B 377 18.57 -8.42 7.99
CA ARG B 377 18.00 -7.11 7.66
C ARG B 377 16.68 -7.17 6.91
N GLN B 378 15.75 -6.29 7.27
CA GLN B 378 14.48 -6.21 6.54
C GLN B 378 14.92 -5.35 5.35
N GLN B 379 14.66 -5.80 4.12
CA GLN B 379 15.10 -5.03 2.97
C GLN B 379 14.02 -4.57 2.00
N SER B 380 12.79 -4.58 2.48
CA SER B 380 11.62 -4.14 1.70
C SER B 380 10.54 -3.73 2.67
N PHE B 381 9.69 -2.79 2.27
CA PHE B 381 8.59 -2.35 3.13
C PHE B 381 7.48 -3.40 3.14
N HIS B 382 7.51 -4.31 2.17
CA HIS B 382 6.49 -5.35 2.09
C HIS B 382 7.14 -6.71 2.15
N CYS B 383 7.00 -7.38 3.28
CA CYS B 383 7.61 -8.69 3.44
C CYS B 383 6.88 -9.60 4.40
N GLU B 384 7.24 -10.87 4.33
CA GLU B 384 6.64 -11.90 5.17
C GLU B 384 7.77 -12.70 5.81
N VAL B 385 7.60 -12.99 7.09
CA VAL B 385 8.58 -13.74 7.85
C VAL B 385 7.88 -14.89 8.57
N GLU B 386 8.52 -16.06 8.57
CA GLU B 386 7.92 -17.23 9.19
C GLU B 386 8.98 -18.22 9.69
N THR B 387 8.69 -18.86 10.81
CA THR B 387 9.60 -19.85 11.36
C THR B 387 8.78 -20.93 12.07
N LYS B 388 9.39 -22.10 12.25
CA LYS B 388 8.75 -23.22 12.92
C LYS B 388 9.62 -23.51 14.12
N LEU B 389 9.02 -23.48 15.32
CA LEU B 389 9.74 -23.67 16.56
C LEU B 389 9.32 -24.82 17.46
N GLU B 390 10.32 -25.48 18.04
CA GLU B 390 10.10 -26.57 18.98
C GLU B 390 10.78 -26.09 20.27
N TYR B 391 9.98 -25.85 21.29
CA TYR B 391 10.48 -25.35 22.57
C TYR B 391 9.64 -25.95 23.69
N GLN B 392 10.27 -26.27 24.81
CA GLN B 392 9.57 -26.86 25.95
C GLN B 392 9.83 -26.02 27.21
N PRO B 393 9.21 -24.84 27.30
CA PRO B 393 9.38 -23.96 28.45
C PRO B 393 8.84 -24.57 29.73
N GLU B 394 9.51 -24.30 30.84
CA GLU B 394 9.10 -24.83 32.13
C GLU B 394 8.86 -23.72 33.14
N SER B 395 9.19 -22.49 32.74
CA SER B 395 9.04 -21.34 33.61
C SER B 395 8.73 -20.09 32.78
N PHE B 396 8.23 -19.04 33.42
CA PHE B 396 7.93 -17.81 32.71
C PHE B 396 9.26 -17.18 32.30
N GLN B 397 10.35 -17.66 32.89
CA GLN B 397 11.69 -17.15 32.57
C GLN B 397 12.21 -17.78 31.28
N HIS B 398 11.39 -18.60 30.65
CA HIS B 398 11.75 -19.26 29.40
C HIS B 398 10.91 -18.72 28.25
N MET B 399 11.56 -18.15 27.23
CA MET B 399 10.87 -17.59 26.06
C MET B 399 11.66 -17.90 24.80
N ALA B 400 10.95 -18.17 23.70
CA ALA B 400 11.59 -18.43 22.41
C ALA B 400 10.61 -18.06 21.32
N GLY B 401 11.09 -17.42 20.25
CA GLY B 401 10.17 -17.05 19.20
C GLY B 401 10.69 -16.17 18.08
N LEU B 402 9.74 -15.54 17.40
CA LEU B 402 9.97 -14.67 16.26
C LEU B 402 10.13 -13.21 16.71
N VAL B 403 11.23 -12.59 16.31
CA VAL B 403 11.49 -11.21 16.71
C VAL B 403 11.65 -10.23 15.54
N ILE B 404 11.10 -9.03 15.73
CA ILE B 404 11.21 -7.92 14.79
C ILE B 404 11.97 -7.00 15.72
N TYR B 405 13.23 -6.73 15.40
CA TYR B 405 14.09 -5.99 16.30
C TYR B 405 14.86 -4.78 15.77
N TYR B 406 14.81 -3.67 16.49
CA TYR B 406 15.59 -2.51 16.10
C TYR B 406 16.74 -2.46 17.13
N ASP B 407 16.38 -2.30 18.40
CA ASP B 407 17.38 -2.32 19.47
C ASP B 407 16.70 -2.70 20.79
N THR B 408 17.42 -2.54 21.89
CA THR B 408 16.88 -2.89 23.21
C THR B 408 15.67 -2.05 23.63
N GLU B 409 15.49 -0.89 23.00
CA GLU B 409 14.39 0.01 23.31
C GLU B 409 13.16 -0.16 22.43
N ASP B 410 13.33 -0.79 21.27
CA ASP B 410 12.23 -0.98 20.34
C ASP B 410 12.28 -2.31 19.62
N HIS B 411 11.32 -3.17 19.94
CA HIS B 411 11.23 -4.48 19.32
C HIS B 411 9.88 -5.13 19.59
N VAL B 412 9.54 -6.10 18.76
CA VAL B 412 8.30 -6.86 18.86
C VAL B 412 8.71 -8.33 18.91
N TYR B 413 8.10 -9.08 19.83
CA TYR B 413 8.50 -10.48 20.03
C TYR B 413 7.32 -11.44 20.21
N LEU B 414 7.03 -12.24 19.18
CA LEU B 414 5.97 -13.24 19.25
C LEU B 414 6.68 -14.50 19.78
N HIS B 415 6.37 -14.89 21.01
CA HIS B 415 7.07 -16.02 21.61
C HIS B 415 6.26 -17.07 22.38
N VAL B 416 6.90 -18.21 22.58
CA VAL B 416 6.35 -19.33 23.32
C VAL B 416 6.98 -19.28 24.71
N THR B 417 6.16 -19.43 25.74
CA THR B 417 6.66 -19.40 27.10
C THR B 417 5.80 -20.32 27.96
N TRP B 418 5.93 -20.20 29.27
CA TRP B 418 5.17 -21.03 30.19
C TRP B 418 4.41 -20.16 31.17
N HIS B 419 3.20 -20.56 31.50
CA HIS B 419 2.34 -19.83 32.43
C HIS B 419 1.88 -20.79 33.53
N GLU B 420 1.90 -20.33 34.78
CA GLU B 420 1.52 -21.17 35.91
C GLU B 420 0.16 -21.84 35.77
N GLU B 421 -0.75 -21.20 35.04
CA GLU B 421 -2.09 -21.75 34.87
C GLU B 421 -2.27 -22.44 33.52
N LYS B 422 -1.81 -21.79 32.47
CA LYS B 422 -1.96 -22.32 31.11
C LYS B 422 -0.87 -23.25 30.59
N GLY B 423 0.22 -23.41 31.34
CA GLY B 423 1.29 -24.25 30.87
C GLY B 423 1.91 -23.58 29.65
N LYS B 424 2.28 -24.38 28.65
CA LYS B 424 2.88 -23.83 27.43
C LYS B 424 1.91 -22.84 26.80
N CYS B 425 2.39 -21.65 26.46
CA CYS B 425 1.52 -20.65 25.88
C CYS B 425 2.24 -19.66 24.97
N LEU B 426 1.45 -18.83 24.30
CA LEU B 426 1.94 -17.83 23.35
C LEU B 426 1.66 -16.42 23.84
N GLN B 427 2.64 -15.54 23.68
CA GLN B 427 2.48 -14.15 24.10
C GLN B 427 3.26 -13.21 23.16
N ILE B 428 2.90 -11.94 23.18
CA ILE B 428 3.57 -10.95 22.35
C ILE B 428 4.12 -9.86 23.24
N ILE B 429 5.44 -9.69 23.20
CA ILE B 429 6.05 -8.63 23.96
C ILE B 429 6.38 -7.50 22.99
N GLN B 430 6.12 -6.27 23.41
CA GLN B 430 6.49 -5.13 22.60
C GLN B 430 7.13 -4.10 23.50
N THR B 431 8.34 -3.69 23.15
CA THR B 431 9.05 -2.68 23.92
C THR B 431 9.08 -1.48 22.99
N LYS B 432 8.54 -0.38 23.47
CA LYS B 432 8.45 0.84 22.68
C LYS B 432 9.00 2.00 23.49
N GLY B 433 10.03 2.65 22.96
CA GLY B 433 10.64 3.76 23.68
C GLY B 433 11.22 3.30 25.01
N GLY B 434 11.59 2.02 25.08
CA GLY B 434 12.16 1.48 26.31
C GLY B 434 11.10 1.04 27.30
N ASN B 435 9.83 1.15 26.91
CA ASN B 435 8.75 0.74 27.80
C ASN B 435 8.24 -0.65 27.45
N TYR B 436 8.34 -1.55 28.41
CA TYR B 436 7.91 -2.93 28.25
C TYR B 436 6.39 -3.06 28.26
N ASP B 437 5.87 -3.93 27.41
CA ASP B 437 4.44 -4.16 27.34
C ASP B 437 4.15 -5.54 26.76
N GLU B 438 2.95 -6.03 27.05
CA GLU B 438 2.49 -7.33 26.55
C GLU B 438 1.22 -7.00 25.77
N LEU B 439 1.15 -7.43 24.52
CA LEU B 439 -0.01 -7.12 23.70
C LEU B 439 -1.23 -8.02 23.85
N LEU B 440 -1.09 -9.12 24.59
CA LEU B 440 -2.22 -10.01 24.84
C LEU B 440 -2.57 -9.95 26.32
N ALA B 441 -3.84 -9.73 26.62
CA ALA B 441 -4.29 -9.65 28.01
C ALA B 441 -3.87 -10.92 28.75
N SER B 442 -3.99 -12.04 28.06
CA SER B 442 -3.63 -13.34 28.63
C SER B 442 -2.99 -14.18 27.53
N PRO B 443 -1.94 -14.93 27.86
CA PRO B 443 -1.30 -15.76 26.83
C PRO B 443 -2.24 -16.84 26.34
N ILE B 444 -2.03 -17.25 25.09
CA ILE B 444 -2.84 -18.27 24.46
C ILE B 444 -2.21 -19.65 24.71
N PRO B 445 -2.96 -20.57 25.35
CA PRO B 445 -2.43 -21.90 25.63
C PRO B 445 -2.05 -22.66 24.36
N LEU B 446 -0.94 -23.39 24.43
CA LEU B 446 -0.46 -24.18 23.30
C LEU B 446 -0.36 -25.64 23.69
N ALA B 447 -0.47 -26.53 22.71
CA ALA B 447 -0.38 -27.96 22.95
C ALA B 447 1.06 -28.27 23.30
N GLU B 448 1.24 -28.95 24.43
CA GLU B 448 2.56 -29.30 24.93
C GLU B 448 3.45 -30.06 23.96
N GLU B 449 2.89 -31.00 23.21
CA GLU B 449 3.67 -31.80 22.29
C GLU B 449 3.64 -31.43 20.82
N LYS B 450 3.33 -30.17 20.51
CA LYS B 450 3.28 -29.76 19.11
C LYS B 450 4.24 -28.62 18.79
N ALA B 451 4.80 -28.64 17.59
CA ALA B 451 5.69 -27.58 17.16
C ALA B 451 4.80 -26.36 16.92
N VAL B 452 5.39 -25.17 16.95
CA VAL B 452 4.62 -23.96 16.74
C VAL B 452 5.10 -23.17 15.53
N TYR B 453 4.17 -22.72 14.72
CA TYR B 453 4.49 -21.93 13.54
C TYR B 453 4.21 -20.46 13.87
N LEU B 454 5.20 -19.61 13.63
CA LEU B 454 5.08 -18.18 13.91
C LEU B 454 5.28 -17.42 12.61
N LYS B 455 4.45 -16.41 12.38
CA LYS B 455 4.53 -15.66 11.13
C LYS B 455 4.24 -14.18 11.31
N GLY B 456 4.89 -13.36 10.49
CA GLY B 456 4.68 -11.93 10.55
C GLY B 456 4.62 -11.39 9.14
N ARG B 457 3.71 -10.45 8.90
CA ARG B 457 3.57 -9.83 7.58
C ARG B 457 3.62 -8.33 7.77
N ILE B 458 4.59 -7.69 7.13
CA ILE B 458 4.77 -6.24 7.23
C ILE B 458 4.45 -5.52 5.92
N HIS B 459 3.74 -4.40 6.05
CA HIS B 459 3.36 -3.58 4.90
C HIS B 459 3.56 -2.13 5.31
N ARG B 460 4.73 -1.59 5.00
CA ARG B 460 5.06 -0.21 5.34
C ARG B 460 4.93 0.07 6.83
N GLU B 461 4.03 0.98 7.20
CA GLU B 461 3.85 1.37 8.60
C GLU B 461 3.26 0.35 9.57
N THR B 462 2.58 -0.68 9.07
CA THR B 462 1.94 -1.65 9.95
C THR B 462 2.25 -3.12 9.67
N MET B 463 2.06 -3.97 10.69
CA MET B 463 2.28 -5.39 10.53
C MET B 463 1.28 -6.16 11.38
N HIS B 464 1.11 -7.45 11.07
CA HIS B 464 0.23 -8.30 11.85
C HIS B 464 0.91 -9.64 12.03
N LEU B 465 0.69 -10.26 13.18
CA LEU B 465 1.28 -11.56 13.50
C LEU B 465 0.25 -12.68 13.36
N TYR B 466 0.76 -13.89 13.10
CA TYR B 466 -0.09 -15.07 12.94
C TYR B 466 0.63 -16.28 13.51
N PHE B 467 -0.12 -17.34 13.77
CA PHE B 467 0.45 -18.57 14.30
C PHE B 467 -0.49 -19.74 14.06
N LYS B 468 0.03 -20.95 14.28
CA LYS B 468 -0.74 -22.17 14.18
C LYS B 468 0.15 -23.27 14.71
N GLN B 469 -0.45 -24.39 15.09
CA GLN B 469 0.29 -25.51 15.62
C GLN B 469 0.28 -26.64 14.61
N GLU B 470 1.26 -27.52 14.69
CA GLU B 470 1.41 -28.65 13.77
C GLU B 470 0.22 -29.19 12.98
N GLY B 471 -0.65 -29.95 13.64
CA GLY B 471 -1.79 -30.52 12.93
C GLY B 471 -2.85 -29.57 12.40
N GLU B 472 -2.64 -28.27 12.57
CA GLU B 472 -3.61 -27.28 12.11
C GLU B 472 -3.45 -26.89 10.65
N ALA B 473 -4.59 -26.79 9.97
CA ALA B 473 -4.61 -26.45 8.55
C ALA B 473 -4.60 -24.95 8.23
N GLU B 474 -5.18 -24.14 9.10
CA GLU B 474 -5.26 -22.70 8.88
C GLU B 474 -4.43 -21.86 9.86
N TRP B 475 -3.93 -20.74 9.37
CA TRP B 475 -3.16 -19.83 10.20
C TRP B 475 -4.17 -19.01 11.00
N GLN B 476 -3.79 -18.62 12.21
CA GLN B 476 -4.65 -17.81 13.06
C GLN B 476 -3.98 -16.49 13.36
N PRO B 477 -4.72 -15.38 13.23
CA PRO B 477 -4.12 -14.08 13.53
C PRO B 477 -3.95 -13.95 15.05
N VAL B 478 -2.93 -13.24 15.49
CA VAL B 478 -2.72 -13.07 16.92
C VAL B 478 -2.27 -11.64 17.24
N GLY B 479 -2.88 -11.06 18.26
CA GLY B 479 -2.54 -9.70 18.64
C GLY B 479 -3.19 -8.70 17.71
N PRO B 480 -3.02 -7.40 17.95
CA PRO B 480 -3.61 -6.36 17.10
C PRO B 480 -2.68 -6.01 15.95
N THR B 481 -3.13 -5.12 15.07
CA THR B 481 -2.27 -4.69 13.98
C THR B 481 -1.27 -3.81 14.71
N ILE B 482 0.00 -3.90 14.32
CA ILE B 482 1.03 -3.14 15.00
C ILE B 482 1.72 -2.11 14.13
N ASP B 483 1.82 -0.88 14.64
CA ASP B 483 2.49 0.19 13.93
C ASP B 483 3.98 0.01 14.24
N VAL B 484 4.75 -0.30 13.22
CA VAL B 484 6.18 -0.58 13.36
C VAL B 484 7.11 0.63 13.22
N THR B 485 6.56 1.82 13.05
CA THR B 485 7.41 2.99 12.89
C THR B 485 8.25 3.33 14.13
N HIS B 486 7.92 2.74 15.28
CA HIS B 486 8.71 3.02 16.47
C HIS B 486 10.07 2.33 16.35
N MET B 487 10.16 1.36 15.44
CA MET B 487 11.42 0.67 15.17
C MET B 487 11.99 1.36 13.92
N SER B 488 12.69 2.48 14.13
CA SER B 488 13.27 3.23 13.04
C SER B 488 14.38 4.15 13.53
N ASP B 489 15.13 4.74 12.60
CA ASP B 489 16.22 5.66 12.93
C ASP B 489 15.74 6.97 13.54
N ASP B 490 14.49 7.34 13.26
CA ASP B 490 13.97 8.63 13.67
C ASP B 490 12.99 8.76 14.84
N SER B 491 12.58 7.65 15.44
CA SER B 491 11.60 7.70 16.52
C SER B 491 12.10 7.88 17.96
N ALA B 492 13.41 7.89 18.18
CA ALA B 492 13.93 8.04 19.53
C ALA B 492 14.34 9.48 19.83
N LYS B 493 14.74 9.72 21.08
CA LYS B 493 15.14 11.06 21.51
C LYS B 493 16.29 11.55 20.65
N GLN B 494 17.22 10.66 20.35
CA GLN B 494 18.37 10.98 19.52
C GLN B 494 18.36 10.06 18.29
N VAL B 495 19.06 10.48 17.24
CA VAL B 495 19.16 9.71 16.01
C VAL B 495 19.70 8.32 16.33
N ARG B 496 19.35 7.34 15.50
CA ARG B 496 19.82 5.97 15.65
C ARG B 496 20.38 5.60 14.28
N PHE B 497 21.36 4.71 14.25
CA PHE B 497 22.03 4.38 13.00
C PHE B 497 21.89 3.03 12.35
N THR B 498 20.95 2.20 12.80
CA THR B 498 20.84 0.88 12.19
C THR B 498 19.68 0.65 11.25
N GLY B 499 18.69 -0.11 11.70
CA GLY B 499 17.53 -0.42 10.87
C GLY B 499 16.82 -1.63 11.44
N THR B 500 15.63 -1.94 10.93
CA THR B 500 14.88 -3.06 11.44
C THR B 500 15.40 -4.42 10.96
N PHE B 501 15.55 -5.34 11.88
CA PHE B 501 16.02 -6.70 11.60
C PHE B 501 14.87 -7.66 11.93
N VAL B 502 14.87 -8.81 11.30
CA VAL B 502 13.85 -9.82 11.56
C VAL B 502 14.56 -11.15 11.81
N GLY B 503 14.12 -11.90 12.82
CA GLY B 503 14.79 -13.16 13.09
C GLY B 503 14.24 -14.02 14.19
N MET B 504 15.17 -14.76 14.83
CA MET B 504 14.83 -15.69 15.88
C MET B 504 15.57 -15.33 17.18
N ALA B 505 14.97 -15.67 18.31
CA ALA B 505 15.61 -15.38 19.59
C ALA B 505 15.02 -16.24 20.69
N THR B 506 15.76 -16.37 21.77
CA THR B 506 15.29 -17.13 22.91
C THR B 506 16.10 -16.70 24.10
N GLN B 507 15.45 -16.65 25.25
CA GLN B 507 16.17 -16.31 26.45
C GLN B 507 15.75 -17.23 27.55
N ASP B 508 16.71 -17.53 28.42
CA ASP B 508 16.48 -18.41 29.56
C ASP B 508 16.98 -17.56 30.71
N LEU B 509 16.07 -16.79 31.29
CA LEU B 509 16.39 -15.90 32.39
C LEU B 509 16.59 -16.64 33.71
N SER B 510 16.54 -17.97 33.66
CA SER B 510 16.75 -18.76 34.87
C SER B 510 18.21 -19.21 34.86
N GLY B 511 18.83 -19.12 33.68
CA GLY B 511 20.22 -19.49 33.51
C GLY B 511 20.51 -20.93 33.10
N THR B 512 19.47 -21.71 32.83
CA THR B 512 19.67 -23.12 32.47
C THR B 512 19.98 -23.42 31.01
N LYS B 513 20.19 -22.38 30.20
CA LYS B 513 20.54 -22.57 28.79
C LYS B 513 19.55 -23.46 28.05
N LYS B 514 18.27 -23.32 28.34
CA LYS B 514 17.24 -24.12 27.68
C LYS B 514 17.32 -23.96 26.16
N PRO B 515 17.38 -25.07 25.42
CA PRO B 515 17.47 -24.99 23.95
C PRO B 515 16.14 -24.75 23.25
N ALA B 516 16.21 -24.05 22.13
CA ALA B 516 15.05 -23.76 21.30
C ALA B 516 15.47 -24.16 19.90
N ASP B 517 14.71 -25.07 19.28
CA ASP B 517 15.05 -25.52 17.94
C ASP B 517 14.16 -24.90 16.85
N PHE B 518 14.78 -24.14 15.96
CA PHE B 518 14.07 -23.53 14.86
C PHE B 518 14.32 -24.42 13.64
N ASP B 519 13.25 -25.00 13.11
CA ASP B 519 13.36 -25.90 11.98
C ASP B 519 13.69 -25.20 10.67
N TYR B 520 13.23 -23.96 10.52
CA TYR B 520 13.52 -23.19 9.32
C TYR B 520 13.09 -21.75 9.53
N PHE B 521 13.49 -20.89 8.62
CA PHE B 521 13.11 -19.49 8.66
C PHE B 521 12.92 -19.02 7.23
N ARG B 522 11.80 -18.36 6.97
CA ARG B 522 11.52 -17.88 5.63
C ARG B 522 11.38 -16.36 5.62
N TYR B 523 12.00 -15.72 4.63
CA TYR B 523 11.93 -14.29 4.45
C TYR B 523 11.55 -14.07 3.00
N LYS B 524 10.37 -13.51 2.78
CA LYS B 524 9.87 -13.28 1.43
C LYS B 524 9.38 -11.85 1.25
N GLU B 525 9.87 -11.18 0.22
CA GLU B 525 9.42 -9.81 -0.02
C GLU B 525 8.25 -9.87 -0.99
#